data_5GJT
#
_entry.id   5GJT
#
_cell.length_a   130.806
_cell.length_b   130.806
_cell.length_c   366.938
_cell.angle_alpha   90.00
_cell.angle_beta   90.00
_cell.angle_gamma   120.00
#
_symmetry.space_group_name_H-M   'H 3 2'
#
loop_
_entity.id
_entity.type
_entity.pdbx_description
1 polymer Hemagglutinin
2 polymer Hemagglutinin
3 polymer 'light chain of human neutralizing antibody 3E1'
4 polymer 'heavy chain of human neutralizing antibody 3E1'
5 branched 2-acetamido-2-deoxy-beta-D-glucopyranose-(1-4)-2-acetamido-2-deoxy-beta-D-glucopyranose
#
loop_
_entity_poly.entity_id
_entity_poly.type
_entity_poly.pdbx_seq_one_letter_code
_entity_poly.pdbx_strand_id
1 'polypeptide(L)'
;GSDTLCIGYHANNSTDTVDTVLEKNVTVTHSVNLLEDKHNGKLCKLRGVAPLHLGKCNIAGWILGNPECESLSTASSWSY
IVETSSSDNGTCYPGDFIDYEELREQLSSVSSFERFEIFPKTSSWPNHDSNKGVTAACPHAGAKGFYKNLIWLVKKGNSY
PKLSKSYINDKGKEVLVLWGIHHPSTTADQQSLYQNADTYVFVGTSRYSKKFKPEIAIRPKVRDQEGRMNYYWTLVEPGD
KITFEATGNLVVPRYAFAMERNAGSGIIISDTPVHDCNTTCQTPKGAINTSLPFQNIHPITIGKCPKYVKSTKLRLATGL
RNVPSIQSR
;
A
2 'polypeptide(L)'
;GLFGAIAGFIEGGWTGMVDGWYGYHHQNEQGSGYAADLKSTQNAIDKITNKVNSVIEKMNTQFTAVGKEFNHLEKRIENL
NKKVDDGFLDIWTYNAELLVLLENERTLDYHDSNVKNLYEKVRNQLKNNAKEIGNGCFEFYHKCDNTCMESVKNGTYDYP
KYSEEAKLNREEIDGVLELVPR
;
B
3 'polypeptide(L)'
;DIQMTQSPATLSASVGDRVSITCRASQSISSWLAWYQQKPGKAPKLLIYKASSLESGVPSRFSGSGSGSEFTLTISSLQP
DDFAIYYCQQYNSYPWTFGQGTKVEIKRTVAAPSVFIFPPSDEQLKSGTASVVCLLNNFYPREAKVQWKVDNALQSGNSQ
ESVTEQDSKDSTYSLSSTLTLSKADYEKHKVYACEVTHQGLSSPVTKSFNRGEC
;
L
4 'polypeptide(L)'
;QVQLQESGPGLVKPSETLSLTCSVSGASISSYYWIWIRQPAGKGLEWIGRFYTSGSPNYNPSLRSRVTMSVDTSKNQFSL
KLTSVTAADTAVYYCAREEHITFGGVIVRYWGQGTLVTVSPASTKGPSVFPLAPSSKSTSGGTAALGCLVKDYFPEPVTV
SWNSGALTSGVHTFPAVLQSSGLYSLSSVVTVPSSSLGTQTYICNVNHKPSNTKVDKKVEPK
;
H
#
loop_
_chem_comp.id
_chem_comp.type
_chem_comp.name
_chem_comp.formula
NAG D-saccharide, beta linking 2-acetamido-2-deoxy-beta-D-glucopyranose 'C8 H15 N O6'
#
# COMPACT_ATOMS: atom_id res chain seq x y z
N SER A 2 23.05 -6.94 49.73
CA SER A 2 22.33 -8.07 49.06
C SER A 2 21.44 -7.57 47.91
N ASP A 3 20.66 -6.52 48.18
CA ASP A 3 19.81 -5.87 47.17
C ASP A 3 20.67 -5.10 46.16
N THR A 4 20.34 -5.25 44.87
CA THR A 4 21.13 -4.63 43.78
C THR A 4 20.27 -3.93 42.71
N LEU A 5 20.85 -2.89 42.11
CA LEU A 5 20.30 -2.19 40.94
C LEU A 5 21.41 -1.93 39.93
N CYS A 6 21.13 -2.26 38.67
CA CYS A 6 22.10 -2.11 37.58
C CYS A 6 21.58 -1.23 36.44
N ILE A 7 22.50 -0.52 35.78
CA ILE A 7 22.19 0.30 34.60
C ILE A 7 22.81 -0.38 33.38
N GLY A 8 21.98 -0.56 32.35
CA GLY A 8 22.40 -1.22 31.12
C GLY A 8 21.74 -0.69 29.87
N TYR A 9 21.90 -1.46 28.79
CA TYR A 9 21.43 -1.08 27.46
C TYR A 9 20.99 -2.31 26.65
N HIS A 10 20.21 -2.05 25.59
CA HIS A 10 19.59 -3.11 24.78
C HIS A 10 20.59 -3.91 23.95
N ALA A 11 20.31 -5.21 23.84
CA ALA A 11 21.00 -6.12 22.97
C ALA A 11 19.98 -7.06 22.33
N ASN A 12 20.27 -7.46 21.09
CA ASN A 12 19.47 -8.44 20.36
C ASN A 12 20.38 -9.28 19.45
N ASN A 13 19.79 -10.12 18.60
CA ASN A 13 20.57 -10.92 17.65
C ASN A 13 20.63 -10.30 16.23
N SER A 14 20.66 -8.96 16.19
CA SER A 14 20.86 -8.20 14.96
C SER A 14 22.31 -8.34 14.52
N THR A 15 22.49 -8.67 13.24
CA THR A 15 23.83 -8.86 12.66
C THR A 15 24.20 -7.70 11.70
N ASP A 16 23.42 -6.62 11.76
CA ASP A 16 23.63 -5.43 10.92
C ASP A 16 24.86 -4.65 11.34
N THR A 17 25.79 -4.49 10.39
CA THR A 17 27.06 -3.77 10.63
C THR A 17 27.06 -2.40 9.95
N VAL A 18 27.56 -1.40 10.69
CA VAL A 18 27.75 -0.03 10.18
C VAL A 18 29.23 0.36 10.25
N ASP A 19 29.63 1.31 9.40
CA ASP A 19 30.98 1.84 9.44
C ASP A 19 30.98 3.26 9.98
N THR A 20 31.79 3.50 11.01
CA THR A 20 32.02 4.85 11.55
C THR A 20 33.35 5.38 10.99
N VAL A 21 33.66 6.65 11.30
CA VAL A 21 34.94 7.25 10.86
C VAL A 21 36.16 6.64 11.60
N LEU A 22 35.96 6.21 12.86
CA LEU A 22 37.01 5.58 13.68
C LEU A 22 37.02 4.04 13.69
N GLU A 23 35.92 3.42 13.24
CA GLU A 23 35.75 1.97 13.37
C GLU A 23 34.90 1.36 12.26
N LYS A 24 35.42 0.31 11.63
CA LYS A 24 34.71 -0.46 10.58
C LYS A 24 33.98 -1.69 11.14
N ASN A 25 32.89 -2.09 10.47
CA ASN A 25 32.08 -3.28 10.80
C ASN A 25 31.57 -3.34 12.26
N VAL A 26 30.96 -2.24 12.71
CA VAL A 26 30.37 -2.15 14.05
C VAL A 26 28.94 -2.70 14.01
N THR A 27 28.72 -3.80 14.73
CA THR A 27 27.41 -4.46 14.80
C THR A 27 26.46 -3.63 15.67
N VAL A 28 25.32 -3.26 15.09
CA VAL A 28 24.30 -2.44 15.78
C VAL A 28 22.94 -3.15 15.91
N THR A 29 22.18 -2.75 16.94
CA THR A 29 20.85 -3.31 17.21
C THR A 29 19.82 -2.91 16.15
N HIS A 30 19.86 -1.64 15.72
CA HIS A 30 18.93 -1.09 14.72
C HIS A 30 19.63 -0.12 13.76
N SER A 31 19.15 -0.08 12.51
CA SER A 31 19.75 0.75 11.45
C SER A 31 18.77 1.07 10.30
N VAL A 32 19.15 2.06 9.47
CA VAL A 32 18.43 2.41 8.23
C VAL A 32 19.40 2.52 7.05
N ASN A 33 18.94 2.08 5.87
CA ASN A 33 19.72 2.18 4.65
C ASN A 33 19.33 3.46 3.91
N LEU A 34 20.31 4.35 3.73
CA LEU A 34 20.13 5.63 3.02
C LEU A 34 20.23 5.49 1.50
N LEU A 35 20.77 4.34 1.07
CA LEU A 35 20.95 4.03 -0.35
C LEU A 35 19.81 3.17 -0.87
N GLU A 36 19.26 3.57 -2.01
CA GLU A 36 18.23 2.79 -2.69
C GLU A 36 18.86 1.91 -3.78
N ASP A 37 18.82 0.60 -3.54
CA ASP A 37 19.43 -0.39 -4.45
C ASP A 37 18.41 -1.36 -5.09
N LYS A 38 17.14 -0.93 -5.15
CA LYS A 38 16.06 -1.73 -5.75
C LYS A 38 15.23 -0.96 -6.77
N HIS A 39 14.86 -1.66 -7.86
CA HIS A 39 13.95 -1.15 -8.90
C HIS A 39 12.90 -2.23 -9.25
N ASN A 40 11.75 -1.80 -9.78
CA ASN A 40 10.65 -2.73 -10.13
C ASN A 40 10.87 -3.49 -11.46
N GLY A 41 11.85 -3.04 -12.24
CA GLY A 41 12.19 -3.64 -13.54
C GLY A 41 11.13 -3.42 -14.58
N LYS A 42 10.53 -2.23 -14.57
CA LYS A 42 9.43 -1.85 -15.48
C LYS A 42 9.60 -0.41 -15.94
N LEU A 43 9.23 -0.14 -17.19
CA LEU A 43 9.16 1.22 -17.70
C LEU A 43 7.77 1.79 -17.43
N CYS A 44 7.69 2.61 -16.37
CA CYS A 44 6.43 3.12 -15.84
C CYS A 44 6.00 4.49 -16.41
N LYS A 45 4.80 4.93 -16.03
CA LYS A 45 4.30 6.27 -16.35
C LYS A 45 5.00 7.29 -15.45
N LEU A 46 5.66 8.26 -16.08
CA LEU A 46 6.33 9.34 -15.35
C LEU A 46 5.38 10.53 -15.21
N ARG A 47 5.32 11.08 -13.98
CA ARG A 47 4.40 12.19 -13.60
C ARG A 47 2.89 11.88 -13.83
N GLY A 48 2.57 10.59 -13.92
CA GLY A 48 1.21 10.12 -14.24
C GLY A 48 0.92 9.99 -15.74
N VAL A 49 1.89 10.36 -16.57
CA VAL A 49 1.75 10.34 -18.03
C VAL A 49 2.60 9.20 -18.63
N ALA A 50 1.96 8.40 -19.51
CA ALA A 50 2.59 7.25 -20.16
C ALA A 50 3.67 7.65 -21.18
N PRO A 51 4.76 6.83 -21.31
CA PRO A 51 5.80 7.14 -22.31
C PRO A 51 5.41 6.76 -23.74
N LEU A 52 6.12 7.34 -24.71
CA LEU A 52 5.97 6.99 -26.13
C LEU A 52 6.97 5.88 -26.50
N HIS A 53 6.45 4.66 -26.63
CA HIS A 53 7.25 3.49 -26.99
C HIS A 53 7.22 3.29 -28.50
N LEU A 54 8.40 3.05 -29.08
CA LEU A 54 8.54 2.97 -30.55
C LEU A 54 8.90 1.60 -31.11
N GLY A 55 9.34 0.69 -30.23
CA GLY A 55 9.65 -0.71 -30.59
C GLY A 55 10.77 -0.88 -31.61
N LYS A 56 10.42 -1.46 -32.76
CA LYS A 56 11.40 -1.70 -33.86
C LYS A 56 11.80 -0.42 -34.63
N CYS A 57 11.11 0.67 -34.34
CA CYS A 57 11.36 1.98 -34.95
C CYS A 57 12.09 2.93 -34.03
N ASN A 58 12.89 3.81 -34.62
CA ASN A 58 13.48 4.96 -33.93
C ASN A 58 12.67 6.23 -34.23
N ILE A 59 13.09 7.38 -33.70
CA ILE A 59 12.39 8.66 -33.92
C ILE A 59 12.33 9.06 -35.42
N ALA A 60 13.45 8.88 -36.13
CA ALA A 60 13.52 9.13 -37.60
C ALA A 60 12.47 8.33 -38.39
N GLY A 61 12.35 7.05 -38.06
CA GLY A 61 11.37 6.14 -38.70
C GLY A 61 9.94 6.49 -38.36
N TRP A 62 9.72 6.89 -37.10
CA TRP A 62 8.40 7.22 -36.60
C TRP A 62 7.88 8.57 -37.16
N ILE A 63 8.70 9.62 -37.06
CA ILE A 63 8.30 10.98 -37.45
C ILE A 63 8.12 11.17 -38.98
N LEU A 64 8.91 10.44 -39.77
CA LEU A 64 8.81 10.48 -41.23
C LEU A 64 7.71 9.56 -41.76
N GLY A 65 7.37 8.54 -40.98
CA GLY A 65 6.33 7.57 -41.35
C GLY A 65 6.85 6.43 -42.20
N ASN A 66 7.93 5.80 -41.73
CA ASN A 66 8.51 4.60 -42.35
C ASN A 66 7.45 3.48 -42.47
N PRO A 67 7.38 2.78 -43.63
CA PRO A 67 6.39 1.68 -43.85
C PRO A 67 6.37 0.61 -42.75
N GLU A 68 7.51 0.37 -42.11
CA GLU A 68 7.64 -0.58 -40.98
C GLU A 68 7.14 0.00 -39.64
N CYS A 69 6.80 1.29 -39.63
CA CYS A 69 6.29 1.99 -38.43
C CYS A 69 4.80 2.34 -38.54
N GLU A 70 4.10 1.66 -39.47
CA GLU A 70 2.68 1.91 -39.74
C GLU A 70 1.77 1.52 -38.57
N SER A 71 2.05 0.35 -37.98
CA SER A 71 1.28 -0.16 -36.84
C SER A 71 1.79 0.43 -35.51
N LEU A 72 1.72 1.77 -35.42
CA LEU A 72 2.19 2.54 -34.26
C LEU A 72 1.29 3.76 -34.13
N SER A 73 0.77 3.99 -32.91
CA SER A 73 -0.12 5.13 -32.66
C SER A 73 0.40 6.03 -31.55
N THR A 74 0.69 7.28 -31.93
CA THR A 74 1.15 8.30 -31.00
C THR A 74 -0.03 8.90 -30.24
N ALA A 75 0.13 9.01 -28.92
CA ALA A 75 -0.87 9.61 -28.04
C ALA A 75 -0.84 11.15 -28.13
N SER A 76 -1.77 11.79 -27.43
CA SER A 76 -1.83 13.26 -27.31
C SER A 76 -0.61 13.82 -26.58
N SER A 77 -0.09 13.06 -25.60
CA SER A 77 1.04 13.48 -24.78
C SER A 77 1.88 12.30 -24.28
N TRP A 78 3.14 12.59 -23.96
CA TRP A 78 4.07 11.64 -23.32
C TRP A 78 5.11 12.35 -22.46
N SER A 79 5.57 11.66 -21.42
CA SER A 79 6.58 12.17 -20.48
C SER A 79 8.01 11.94 -20.96
N TYR A 80 8.22 10.84 -21.72
CA TYR A 80 9.53 10.48 -22.32
C TYR A 80 9.35 9.50 -23.50
N ILE A 81 10.36 9.40 -24.36
CA ILE A 81 10.33 8.47 -25.52
C ILE A 81 11.24 7.27 -25.24
N VAL A 82 10.73 6.07 -25.57
CA VAL A 82 11.51 4.82 -25.43
C VAL A 82 11.81 4.24 -26.81
N GLU A 83 13.10 3.98 -27.04
CA GLU A 83 13.58 3.18 -28.16
C GLU A 83 14.19 1.90 -27.61
N THR A 84 14.15 0.83 -28.40
CA THR A 84 14.73 -0.47 -27.99
C THR A 84 16.10 -0.67 -28.63
N SER A 85 16.77 -1.77 -28.28
CA SER A 85 18.00 -2.20 -28.95
C SER A 85 17.74 -2.65 -30.41
N SER A 86 16.46 -2.90 -30.70
CA SER A 86 15.98 -3.30 -32.01
C SER A 86 15.36 -2.13 -32.82
N SER A 87 15.52 -0.90 -32.32
CA SER A 87 15.02 0.32 -32.99
C SER A 87 15.91 0.68 -34.18
N ASP A 88 15.88 -0.18 -35.20
CA ASP A 88 16.72 -0.05 -36.39
C ASP A 88 16.00 0.66 -37.55
N ASN A 89 14.67 0.68 -37.49
CA ASN A 89 13.85 1.31 -38.53
C ASN A 89 13.80 2.82 -38.45
N GLY A 90 14.57 3.43 -39.35
CA GLY A 90 14.70 4.88 -39.42
C GLY A 90 14.47 5.37 -40.83
N THR A 91 15.56 5.81 -41.46
CA THR A 91 15.53 6.30 -42.83
C THR A 91 15.78 5.14 -43.81
N CYS A 92 14.70 4.63 -44.40
CA CYS A 92 14.76 3.50 -45.35
C CYS A 92 15.44 3.86 -46.68
N TYR A 93 15.35 5.13 -47.07
CA TYR A 93 16.14 5.66 -48.18
C TYR A 93 17.33 6.41 -47.60
N PRO A 94 18.58 6.02 -47.99
CA PRO A 94 19.81 6.61 -47.44
C PRO A 94 19.91 8.13 -47.59
N GLY A 95 20.56 8.76 -46.61
CA GLY A 95 20.74 10.22 -46.59
C GLY A 95 20.91 10.77 -45.18
N ASP A 96 21.08 12.09 -45.09
CA ASP A 96 21.30 12.77 -43.81
C ASP A 96 20.03 13.40 -43.26
N PHE A 97 19.74 13.11 -42.00
CA PHE A 97 18.69 13.78 -41.25
C PHE A 97 19.36 14.95 -40.54
N ILE A 98 19.18 16.15 -41.10
CA ILE A 98 19.81 17.38 -40.59
C ILE A 98 19.19 17.79 -39.25
N ASP A 99 20.06 17.98 -38.24
CA ASP A 99 19.68 18.27 -36.85
C ASP A 99 18.73 17.21 -36.29
N TYR A 100 19.11 15.94 -36.46
CA TYR A 100 18.33 14.79 -35.98
C TYR A 100 18.26 14.75 -34.45
N GLU A 101 19.42 14.86 -33.80
CA GLU A 101 19.53 14.84 -32.33
C GLU A 101 18.78 15.98 -31.66
N GLU A 102 18.81 17.16 -32.30
CA GLU A 102 18.10 18.35 -31.82
C GLU A 102 16.59 18.22 -31.89
N LEU A 103 16.10 17.55 -32.95
CA LEU A 103 14.68 17.23 -33.09
C LEU A 103 14.24 16.20 -32.04
N ARG A 104 15.09 15.20 -31.81
CA ARG A 104 14.89 14.15 -30.79
C ARG A 104 14.74 14.74 -29.39
N GLU A 105 15.61 15.71 -29.07
CA GLU A 105 15.61 16.42 -27.79
C GLU A 105 14.32 17.24 -27.60
N GLN A 106 13.88 17.90 -28.67
CA GLN A 106 12.67 18.73 -28.67
C GLN A 106 11.37 17.92 -28.69
N LEU A 107 11.42 16.71 -29.27
CA LEU A 107 10.28 15.78 -29.27
C LEU A 107 10.16 14.92 -27.99
N SER A 108 11.24 14.88 -27.20
CA SER A 108 11.36 14.01 -26.00
C SER A 108 10.13 14.02 -25.07
N SER A 109 9.56 15.22 -24.86
CA SER A 109 8.35 15.41 -24.09
C SER A 109 7.44 16.42 -24.76
N VAL A 110 6.21 15.99 -25.05
CA VAL A 110 5.19 16.81 -25.74
C VAL A 110 3.90 16.83 -24.90
N SER A 111 3.31 18.03 -24.79
CA SER A 111 2.07 18.23 -24.02
C SER A 111 0.79 18.04 -24.85
N SER A 112 0.81 18.40 -26.14
CA SER A 112 -0.38 18.35 -27.00
C SER A 112 -0.09 18.03 -28.48
N PHE A 113 0.27 16.77 -28.74
CA PHE A 113 0.63 16.28 -30.08
C PHE A 113 -0.59 16.00 -30.96
N GLU A 114 -0.46 16.34 -32.24
CA GLU A 114 -1.52 16.13 -33.25
C GLU A 114 -0.91 15.96 -34.65
N ARG A 115 -1.15 14.80 -35.26
CA ARG A 115 -0.77 14.55 -36.66
C ARG A 115 -1.95 14.93 -37.58
N PHE A 116 -1.67 15.82 -38.53
CA PHE A 116 -2.68 16.29 -39.49
C PHE A 116 -2.11 16.37 -40.90
N GLU A 117 -2.98 16.19 -41.90
CA GLU A 117 -2.59 16.28 -43.30
C GLU A 117 -2.42 17.76 -43.72
N ILE A 118 -1.15 18.20 -43.78
CA ILE A 118 -0.79 19.59 -44.13
C ILE A 118 -1.12 19.93 -45.60
N PHE A 119 -0.63 19.09 -46.53
CA PHE A 119 -0.94 19.21 -47.95
C PHE A 119 -1.64 17.91 -48.40
N PRO A 120 -3.00 17.93 -48.50
CA PRO A 120 -3.80 16.77 -48.91
C PRO A 120 -3.37 16.21 -50.28
N LYS A 121 -3.17 14.88 -50.32
CA LYS A 121 -2.68 14.17 -51.51
C LYS A 121 -3.56 14.36 -52.76
N THR A 122 -4.88 14.46 -52.54
CA THR A 122 -5.88 14.54 -53.62
C THR A 122 -5.99 15.91 -54.33
N SER A 123 -5.87 17.00 -53.56
CA SER A 123 -6.11 18.36 -54.08
C SER A 123 -4.87 19.25 -54.26
N SER A 124 -3.78 18.91 -53.58
CA SER A 124 -2.57 19.76 -53.55
C SER A 124 -1.69 19.72 -54.80
N TRP A 125 -1.57 18.56 -55.43
CA TRP A 125 -0.62 18.36 -56.56
C TRP A 125 -1.31 17.91 -57.85
N PRO A 126 -1.89 18.87 -58.63
CA PRO A 126 -2.60 18.56 -59.88
C PRO A 126 -1.68 18.48 -61.12
N ASN A 127 -0.54 19.17 -61.08
CA ASN A 127 0.41 19.21 -62.21
C ASN A 127 1.60 18.26 -62.04
N HIS A 128 1.63 17.52 -60.91
CA HIS A 128 2.70 16.57 -60.59
C HIS A 128 2.13 15.20 -60.19
N ASP A 129 2.97 14.16 -60.32
CA ASP A 129 2.57 12.80 -59.98
C ASP A 129 2.81 12.51 -58.49
N SER A 130 1.73 12.08 -57.81
CA SER A 130 1.74 11.76 -56.37
C SER A 130 1.90 10.26 -56.07
N ASN A 131 1.75 9.43 -57.10
CA ASN A 131 1.74 7.96 -56.95
C ASN A 131 3.08 7.29 -57.25
N LYS A 132 3.73 7.68 -58.35
CA LYS A 132 4.94 7.01 -58.87
C LYS A 132 6.24 7.26 -58.05
N GLY A 133 6.11 7.92 -56.89
CA GLY A 133 7.24 8.21 -56.00
C GLY A 133 7.46 7.14 -54.95
N VAL A 134 7.61 5.90 -55.41
CA VAL A 134 7.86 4.73 -54.55
C VAL A 134 9.23 4.11 -54.87
N THR A 135 9.81 3.42 -53.88
CA THR A 135 11.14 2.79 -54.02
C THR A 135 11.21 1.42 -53.33
N ALA A 136 12.09 0.54 -53.86
CA ALA A 136 12.36 -0.79 -53.28
C ALA A 136 13.06 -0.69 -51.91
N ALA A 137 13.68 0.47 -51.66
CA ALA A 137 14.35 0.78 -50.39
C ALA A 137 13.37 0.91 -49.21
N CYS A 138 12.13 1.29 -49.50
CA CYS A 138 11.07 1.45 -48.49
C CYS A 138 9.85 0.54 -48.75
N PRO A 139 10.02 -0.81 -48.63
CA PRO A 139 8.91 -1.70 -49.02
C PRO A 139 7.75 -1.74 -48.01
N HIS A 140 6.52 -1.83 -48.52
CA HIS A 140 5.31 -1.88 -47.68
C HIS A 140 4.79 -3.32 -47.53
N ALA A 141 3.91 -3.73 -48.45
CA ALA A 141 3.33 -5.08 -48.45
C ALA A 141 4.12 -6.01 -49.37
N GLY A 142 5.45 -6.00 -49.18
CA GLY A 142 6.40 -6.73 -50.04
C GLY A 142 6.70 -6.01 -51.35
N ALA A 143 5.95 -4.94 -51.63
CA ALA A 143 6.09 -4.13 -52.84
C ALA A 143 6.62 -2.74 -52.52
N LYS A 144 7.17 -2.08 -53.55
CA LYS A 144 7.75 -0.72 -53.47
C LYS A 144 6.80 0.27 -52.81
N GLY A 145 7.35 1.05 -51.86
CA GLY A 145 6.59 2.07 -51.15
C GLY A 145 7.43 3.28 -50.81
N PHE A 146 6.93 4.08 -49.87
CA PHE A 146 7.59 5.31 -49.41
C PHE A 146 7.08 5.70 -48.00
N TYR A 147 7.64 6.78 -47.45
CA TYR A 147 7.20 7.34 -46.16
C TYR A 147 5.73 7.78 -46.20
N LYS A 148 5.03 7.56 -45.10
CA LYS A 148 3.61 7.88 -44.98
C LYS A 148 3.37 9.39 -44.88
N ASN A 149 4.26 10.10 -44.18
CA ASN A 149 4.14 11.55 -43.94
C ASN A 149 4.77 12.44 -45.03
N LEU A 150 5.32 11.80 -46.06
CA LEU A 150 5.97 12.51 -47.18
C LEU A 150 5.52 11.99 -48.55
N ILE A 151 5.57 12.87 -49.56
CA ILE A 151 5.29 12.50 -50.96
C ILE A 151 6.50 12.84 -51.85
N TRP A 152 7.04 11.82 -52.50
CA TRP A 152 8.10 11.96 -53.49
C TRP A 152 7.46 12.37 -54.81
N LEU A 153 7.40 13.68 -55.07
CA LEU A 153 6.75 14.20 -56.28
C LEU A 153 7.62 14.06 -57.52
N VAL A 154 7.09 13.34 -58.50
CA VAL A 154 7.75 13.11 -59.80
C VAL A 154 6.95 13.75 -60.95
N LYS A 155 7.56 13.82 -62.13
CA LYS A 155 6.98 14.44 -63.33
C LYS A 155 5.65 13.84 -63.79
N LYS A 156 4.79 14.69 -64.35
CA LYS A 156 3.52 14.29 -64.94
C LYS A 156 3.66 14.41 -66.46
N GLY A 157 3.63 13.25 -67.13
CA GLY A 157 3.93 13.17 -68.56
C GLY A 157 5.42 13.32 -68.74
N ASN A 158 5.83 14.42 -69.36
CA ASN A 158 7.26 14.77 -69.50
C ASN A 158 7.52 16.24 -69.13
N SER A 159 6.88 16.69 -68.04
CA SER A 159 7.00 18.08 -67.55
C SER A 159 6.87 18.18 -66.03
N TYR A 160 7.70 19.04 -65.44
CA TYR A 160 7.66 19.37 -64.03
C TYR A 160 7.57 20.90 -63.93
N PRO A 161 6.33 21.45 -63.91
CA PRO A 161 6.14 22.91 -63.80
C PRO A 161 6.59 23.45 -62.44
N LYS A 162 6.84 24.77 -62.39
CA LYS A 162 7.30 25.44 -61.16
C LYS A 162 6.26 25.29 -60.04
N LEU A 163 6.64 24.51 -59.03
CA LEU A 163 5.82 24.23 -57.86
C LEU A 163 5.90 25.42 -56.91
N SER A 164 4.73 25.83 -56.39
CA SER A 164 4.63 26.91 -55.41
C SER A 164 3.43 26.68 -54.48
N LYS A 165 3.72 26.17 -53.27
CA LYS A 165 2.68 25.88 -52.29
C LYS A 165 2.97 26.51 -50.93
N SER A 166 1.89 26.93 -50.26
CA SER A 166 1.97 27.67 -49.00
C SER A 166 1.02 27.11 -47.93
N TYR A 167 1.44 27.23 -46.66
CA TYR A 167 0.62 26.85 -45.51
C TYR A 167 0.69 27.90 -44.40
N ILE A 168 -0.48 28.24 -43.86
CA ILE A 168 -0.61 29.18 -42.73
C ILE A 168 -0.96 28.37 -41.47
N ASN A 169 -0.18 28.57 -40.41
CA ASN A 169 -0.40 27.92 -39.11
C ASN A 169 -1.64 28.52 -38.42
N ASP A 170 -2.80 27.94 -38.73
CA ASP A 170 -4.09 28.36 -38.15
C ASP A 170 -4.37 27.71 -36.78
N LYS A 171 -3.48 26.79 -36.39
CA LYS A 171 -3.54 26.11 -35.09
C LYS A 171 -3.01 27.03 -33.99
N GLY A 172 -3.36 26.74 -32.74
CA GLY A 172 -2.92 27.56 -31.59
C GLY A 172 -1.58 27.17 -30.97
N LYS A 173 -0.73 26.52 -31.78
CA LYS A 173 0.57 25.98 -31.35
C LYS A 173 1.56 25.78 -32.51
N GLU A 174 2.81 25.43 -32.17
CA GLU A 174 3.88 25.16 -33.15
C GLU A 174 3.58 23.96 -34.03
N VAL A 175 3.91 24.09 -35.32
CA VAL A 175 3.71 23.03 -36.30
C VAL A 175 5.06 22.52 -36.84
N LEU A 176 5.33 21.24 -36.60
CA LEU A 176 6.52 20.57 -37.11
C LEU A 176 6.31 20.14 -38.55
N VAL A 177 7.09 20.73 -39.45
CA VAL A 177 7.03 20.45 -40.89
C VAL A 177 8.34 19.80 -41.33
N LEU A 178 8.23 18.58 -41.87
CA LEU A 178 9.40 17.84 -42.37
C LEU A 178 9.30 17.67 -43.88
N TRP A 179 10.44 17.79 -44.56
CA TRP A 179 10.53 17.58 -46.01
C TRP A 179 11.88 16.93 -46.39
N GLY A 180 12.01 16.56 -47.67
CA GLY A 180 13.22 15.94 -48.17
C GLY A 180 13.72 16.55 -49.47
N ILE A 181 15.05 16.51 -49.66
CA ILE A 181 15.70 16.90 -50.90
C ILE A 181 16.40 15.66 -51.48
N HIS A 182 15.91 15.21 -52.63
CA HIS A 182 16.46 14.03 -53.30
C HIS A 182 17.65 14.37 -54.20
N HIS A 183 18.69 13.56 -54.10
CA HIS A 183 19.90 13.69 -54.89
C HIS A 183 20.09 12.41 -55.72
N PRO A 184 19.76 12.46 -57.03
CA PRO A 184 19.90 11.29 -57.92
C PRO A 184 21.37 10.91 -58.21
N SER A 185 21.57 9.65 -58.62
CA SER A 185 22.92 9.12 -58.88
C SER A 185 23.52 9.62 -60.20
N THR A 186 22.72 9.59 -61.27
CA THR A 186 23.15 10.04 -62.61
C THR A 186 22.21 11.12 -63.16
N THR A 187 22.70 11.88 -64.15
CA THR A 187 21.90 12.92 -64.85
C THR A 187 20.69 12.32 -65.60
N ALA A 188 20.84 11.07 -66.05
CA ALA A 188 19.75 10.30 -66.67
C ALA A 188 18.65 9.95 -65.67
N ASP A 189 19.05 9.68 -64.42
CA ASP A 189 18.11 9.38 -63.32
C ASP A 189 17.36 10.64 -62.87
N GLN A 190 18.05 11.79 -62.94
CA GLN A 190 17.46 13.11 -62.65
C GLN A 190 16.37 13.48 -63.68
N GLN A 191 16.63 13.18 -64.95
CA GLN A 191 15.73 13.51 -66.06
C GLN A 191 14.52 12.57 -66.17
N SER A 192 14.70 11.31 -65.78
CA SER A 192 13.61 10.32 -65.79
C SER A 192 12.64 10.48 -64.60
N LEU A 193 12.99 11.36 -63.66
CA LEU A 193 12.16 11.65 -62.48
C LEU A 193 11.55 13.05 -62.47
N TYR A 194 12.28 14.04 -63.00
CA TYR A 194 11.86 15.47 -62.92
C TYR A 194 11.93 16.23 -64.24
N GLN A 195 12.45 15.59 -65.29
CA GLN A 195 12.56 16.17 -66.64
C GLN A 195 13.45 17.42 -66.81
N ASN A 196 13.85 18.01 -65.68
CA ASN A 196 14.64 19.24 -65.68
C ASN A 196 16.04 18.95 -65.17
N ALA A 197 17.04 19.50 -65.86
CA ALA A 197 18.47 19.25 -65.55
C ALA A 197 18.94 19.99 -64.31
N ASP A 198 18.90 21.33 -64.35
CA ASP A 198 19.31 22.16 -63.23
C ASP A 198 18.06 22.63 -62.48
N THR A 199 17.79 21.95 -61.36
CA THR A 199 16.62 22.23 -60.52
C THR A 199 17.04 22.94 -59.22
N TYR A 200 16.04 23.47 -58.50
CA TYR A 200 16.24 24.10 -57.19
C TYR A 200 15.00 23.92 -56.31
N VAL A 201 15.22 23.88 -54.99
CA VAL A 201 14.14 23.85 -54.00
C VAL A 201 14.34 25.01 -53.02
N PHE A 202 13.27 25.75 -52.74
CA PHE A 202 13.32 26.82 -51.74
C PHE A 202 12.24 26.65 -50.68
N VAL A 203 12.66 26.72 -49.42
CA VAL A 203 11.76 26.66 -48.25
C VAL A 203 12.00 27.90 -47.39
N GLY A 204 10.91 28.59 -47.04
CA GLY A 204 10.99 29.82 -46.25
C GLY A 204 9.83 30.10 -45.32
N THR A 205 10.16 30.58 -44.11
CA THR A 205 9.20 31.11 -43.13
C THR A 205 9.63 32.55 -42.74
N SER A 206 9.14 33.04 -41.61
CA SER A 206 9.58 34.33 -41.05
C SER A 206 10.99 34.27 -40.48
N ARG A 207 11.40 33.08 -40.07
CA ARG A 207 12.71 32.81 -39.46
C ARG A 207 13.60 31.96 -40.39
N TYR A 208 13.02 30.90 -40.96
CA TYR A 208 13.74 29.96 -41.85
C TYR A 208 13.78 30.47 -43.30
N SER A 209 14.91 30.23 -43.96
CA SER A 209 15.13 30.57 -45.38
C SER A 209 16.38 29.84 -45.91
N LYS A 210 16.16 28.85 -46.80
CA LYS A 210 17.26 28.06 -47.40
C LYS A 210 16.93 27.54 -48.81
N LYS A 211 17.84 27.79 -49.75
CA LYS A 211 17.79 27.20 -51.09
C LYS A 211 18.52 25.85 -51.09
N PHE A 212 17.98 24.90 -51.86
CA PHE A 212 18.56 23.55 -51.97
C PHE A 212 18.90 23.26 -53.42
N LYS A 213 20.15 22.89 -53.65
CA LYS A 213 20.65 22.52 -54.97
C LYS A 213 21.04 21.04 -54.95
N PRO A 214 20.45 20.21 -55.87
CA PRO A 214 20.70 18.77 -55.85
C PRO A 214 22.11 18.42 -56.35
N GLU A 215 22.82 17.64 -55.53
CA GLU A 215 24.17 17.20 -55.84
C GLU A 215 24.10 15.80 -56.46
N ILE A 216 24.24 15.76 -57.80
CA ILE A 216 24.06 14.52 -58.58
C ILE A 216 25.40 13.78 -58.74
N ALA A 217 25.50 12.62 -58.06
CA ALA A 217 26.69 11.75 -58.09
C ALA A 217 26.37 10.33 -57.60
N ILE A 218 27.18 9.36 -58.02
CA ILE A 218 27.06 7.95 -57.61
C ILE A 218 27.71 7.76 -56.22
N ARG A 219 26.88 7.50 -55.22
CA ARG A 219 27.32 7.19 -53.85
C ARG A 219 27.42 5.67 -53.67
N PRO A 220 28.23 5.20 -52.69
CA PRO A 220 28.23 3.76 -52.36
C PRO A 220 26.82 3.25 -52.01
N LYS A 221 26.49 2.05 -52.50
CA LYS A 221 25.15 1.45 -52.35
C LYS A 221 24.75 1.20 -50.90
N VAL A 222 23.71 1.90 -50.47
CA VAL A 222 23.06 1.68 -49.18
C VAL A 222 21.61 1.34 -49.49
N ARG A 223 21.23 0.10 -49.14
CA ARG A 223 19.89 -0.47 -49.41
C ARG A 223 19.51 -0.40 -50.91
N ASP A 224 20.47 -0.84 -51.76
CA ASP A 224 20.36 -0.90 -53.23
C ASP A 224 20.26 0.50 -53.91
N GLN A 225 20.66 1.56 -53.20
CA GLN A 225 20.54 2.94 -53.69
C GLN A 225 21.89 3.65 -53.80
N GLU A 226 22.16 4.17 -55.00
CA GLU A 226 23.36 4.98 -55.27
C GLU A 226 23.07 6.48 -55.10
N GLY A 227 21.80 6.81 -54.94
CA GLY A 227 21.36 8.18 -54.65
C GLY A 227 21.08 8.41 -53.17
N ARG A 228 21.02 9.69 -52.78
CA ARG A 228 20.75 10.09 -51.39
C ARG A 228 19.54 11.01 -51.28
N MET A 229 18.94 11.05 -50.08
CA MET A 229 17.79 11.89 -49.79
C MET A 229 17.99 12.54 -48.42
N ASN A 230 18.16 13.86 -48.41
CA ASN A 230 18.40 14.60 -47.17
C ASN A 230 17.09 15.07 -46.54
N TYR A 231 16.95 14.82 -45.24
CA TYR A 231 15.72 15.11 -44.51
C TYR A 231 15.88 16.36 -43.65
N TYR A 232 15.01 17.35 -43.91
CA TYR A 232 15.04 18.65 -43.24
C TYR A 232 13.73 18.91 -42.49
N TRP A 233 13.83 19.69 -41.41
CA TRP A 233 12.68 20.06 -40.59
C TRP A 233 12.79 21.50 -40.05
N THR A 234 11.64 22.11 -39.79
CA THR A 234 11.55 23.40 -39.08
C THR A 234 10.22 23.55 -38.33
N LEU A 235 10.24 24.37 -37.27
CA LEU A 235 9.05 24.65 -36.47
C LEU A 235 8.39 25.94 -36.95
N VAL A 236 7.14 25.82 -37.38
CA VAL A 236 6.36 26.97 -37.85
C VAL A 236 5.60 27.56 -36.65
N GLU A 237 5.87 28.84 -36.38
CA GLU A 237 5.25 29.57 -35.26
C GLU A 237 3.74 29.76 -35.47
N PRO A 238 2.93 29.81 -34.36
CA PRO A 238 1.47 30.05 -34.50
C PRO A 238 1.15 31.39 -35.16
N GLY A 239 0.59 31.32 -36.37
CA GLY A 239 0.30 32.50 -37.19
C GLY A 239 1.28 32.71 -38.34
N ASP A 240 2.45 32.06 -38.26
CA ASP A 240 3.50 32.14 -39.29
C ASP A 240 3.16 31.26 -40.51
N LYS A 241 3.80 31.57 -41.63
CA LYS A 241 3.56 30.93 -42.91
C LYS A 241 4.81 30.17 -43.39
N ILE A 242 4.61 28.95 -43.92
CA ILE A 242 5.68 28.16 -44.56
C ILE A 242 5.44 28.05 -46.08
N THR A 243 6.50 28.30 -46.86
CA THR A 243 6.43 28.32 -48.32
C THR A 243 7.40 27.31 -48.94
N PHE A 244 6.90 26.56 -49.93
CA PHE A 244 7.70 25.61 -50.71
C PHE A 244 7.69 26.02 -52.18
N GLU A 245 8.88 26.18 -52.75
CA GLU A 245 9.06 26.48 -54.18
C GLU A 245 10.07 25.49 -54.76
N ALA A 246 9.67 24.78 -55.82
CA ALA A 246 10.52 23.75 -56.43
C ALA A 246 10.34 23.59 -57.94
N THR A 247 11.44 23.25 -58.62
CA THR A 247 11.43 22.86 -60.05
C THR A 247 11.81 21.38 -60.21
N GLY A 248 11.96 20.70 -59.07
CA GLY A 248 12.31 19.28 -59.01
C GLY A 248 12.99 18.91 -57.70
N ASN A 249 13.08 17.60 -57.44
CA ASN A 249 13.84 17.01 -56.29
C ASN A 249 13.26 17.18 -54.87
N LEU A 250 12.14 17.90 -54.74
CA LEU A 250 11.49 18.12 -53.43
C LEU A 250 10.58 16.96 -53.03
N VAL A 251 10.95 16.32 -51.92
CA VAL A 251 10.09 15.34 -51.25
C VAL A 251 9.21 16.18 -50.32
N VAL A 252 7.99 16.39 -50.78
CA VAL A 252 7.05 17.35 -50.20
C VAL A 252 6.35 16.79 -48.93
N PRO A 253 5.99 17.67 -47.94
CA PRO A 253 5.23 17.20 -46.78
C PRO A 253 3.78 16.83 -47.11
N ARG A 254 3.30 15.73 -46.51
CA ARG A 254 1.90 15.36 -46.55
C ARG A 254 1.28 15.50 -45.17
N TYR A 255 1.99 15.02 -44.14
CA TYR A 255 1.56 15.12 -42.76
C TYR A 255 2.52 15.98 -41.94
N ALA A 256 1.95 16.95 -41.23
CA ALA A 256 2.68 17.78 -40.27
C ALA A 256 2.17 17.54 -38.85
N PHE A 257 2.79 18.19 -37.86
CA PHE A 257 2.49 17.93 -36.45
C PHE A 257 2.29 19.21 -35.63
N ALA A 258 1.08 19.40 -35.11
CA ALA A 258 0.76 20.50 -34.20
C ALA A 258 1.05 20.06 -32.75
N MET A 259 1.87 20.84 -32.04
CA MET A 259 2.35 20.45 -30.70
C MET A 259 2.69 21.61 -29.73
N GLU A 260 2.57 21.30 -28.44
CA GLU A 260 3.00 22.16 -27.33
C GLU A 260 4.15 21.44 -26.63
N ARG A 261 5.38 21.96 -26.80
CA ARG A 261 6.56 21.39 -26.12
C ARG A 261 6.56 21.69 -24.62
N ASN A 262 7.13 20.76 -23.84
CA ASN A 262 7.22 20.90 -22.37
C ASN A 262 8.41 21.75 -21.91
N SER A 265 12.72 16.99 -21.15
CA SER A 265 12.86 15.59 -20.77
C SER A 265 13.94 14.88 -21.62
N GLY A 266 13.96 13.54 -21.58
CA GLY A 266 14.96 12.74 -22.30
C GLY A 266 14.42 11.51 -23.04
N ILE A 267 15.36 10.73 -23.59
CA ILE A 267 15.07 9.51 -24.37
C ILE A 267 15.79 8.31 -23.74
N ILE A 268 15.06 7.22 -23.56
CA ILE A 268 15.58 5.97 -22.97
C ILE A 268 15.73 4.87 -24.04
N ILE A 269 16.93 4.26 -24.09
CA ILE A 269 17.21 3.11 -24.96
C ILE A 269 17.15 1.84 -24.09
N SER A 270 16.05 1.09 -24.18
CA SER A 270 15.79 -0.06 -23.29
C SER A 270 14.96 -1.20 -23.87
N ASP A 271 15.24 -2.42 -23.37
CA ASP A 271 14.46 -3.63 -23.69
C ASP A 271 13.57 -4.06 -22.51
N THR A 272 13.49 -3.21 -21.48
CA THR A 272 12.68 -3.41 -20.27
C THR A 272 11.18 -3.31 -20.62
N PRO A 273 10.34 -4.26 -20.11
CA PRO A 273 8.90 -4.22 -20.39
C PRO A 273 8.17 -2.99 -19.81
N VAL A 274 7.15 -2.54 -20.54
CA VAL A 274 6.28 -1.43 -20.13
C VAL A 274 5.13 -2.00 -19.28
N HIS A 275 4.74 -1.26 -18.24
CA HIS A 275 3.69 -1.67 -17.31
C HIS A 275 2.83 -0.46 -16.89
N ASP A 276 1.62 -0.73 -16.41
CA ASP A 276 0.66 0.31 -15.96
C ASP A 276 1.05 0.97 -14.60
N CYS A 277 2.30 0.74 -14.17
CA CYS A 277 2.86 1.35 -12.95
C CYS A 277 3.08 2.86 -13.09
N ASN A 278 3.20 3.53 -11.95
CA ASN A 278 3.39 4.97 -11.88
C ASN A 278 4.70 5.29 -11.14
N THR A 279 5.44 6.29 -11.62
CA THR A 279 6.75 6.65 -11.03
C THR A 279 7.08 8.16 -11.04
N THR A 280 8.04 8.54 -10.18
CA THR A 280 8.61 9.90 -10.14
C THR A 280 10.05 9.91 -10.68
N CYS A 281 10.71 8.75 -10.62
CA CYS A 281 12.05 8.56 -11.17
C CYS A 281 12.08 7.34 -12.09
N GLN A 282 12.52 7.55 -13.33
CA GLN A 282 12.61 6.48 -14.32
C GLN A 282 14.05 6.21 -14.76
N THR A 283 14.38 4.91 -14.80
CA THR A 283 15.70 4.40 -15.14
C THR A 283 15.54 3.37 -16.28
N PRO A 284 16.49 3.36 -17.28
CA PRO A 284 16.51 2.39 -18.39
C PRO A 284 16.30 0.91 -17.99
N LYS A 285 16.74 0.50 -16.80
CA LYS A 285 16.54 -0.89 -16.33
C LYS A 285 15.31 -1.08 -15.42
N GLY A 286 14.65 0.03 -15.04
CA GLY A 286 13.42 0.00 -14.24
C GLY A 286 13.22 1.19 -13.33
N ALA A 287 11.95 1.50 -13.02
CA ALA A 287 11.57 2.64 -12.18
C ALA A 287 11.96 2.44 -10.71
N ILE A 288 12.36 3.54 -10.06
CA ILE A 288 12.70 3.54 -8.62
C ILE A 288 11.79 4.50 -7.84
N ASN A 289 11.28 4.02 -6.70
CA ASN A 289 10.37 4.83 -5.86
C ASN A 289 10.82 5.01 -4.41
N THR A 290 11.46 6.16 -4.18
CA THR A 290 11.90 6.60 -2.89
C THR A 290 11.97 8.11 -2.92
N SER A 291 12.12 8.81 -1.80
CA SER A 291 12.26 8.39 -0.40
C SER A 291 13.67 8.68 0.04
N LEU A 292 14.61 7.83 -0.32
CA LEU A 292 16.01 8.02 0.05
C LEU A 292 16.72 8.93 -0.89
N PRO A 293 17.69 9.66 -0.36
CA PRO A 293 18.45 10.66 -1.16
C PRO A 293 19.45 10.10 -2.18
N PHE A 294 19.82 8.83 -2.05
CA PHE A 294 20.86 8.22 -2.91
C PHE A 294 20.45 6.89 -3.53
N GLN A 295 20.92 6.67 -4.76
CA GLN A 295 20.67 5.42 -5.51
C GLN A 295 21.92 4.95 -6.28
N ASN A 296 22.01 3.65 -6.52
CA ASN A 296 23.13 3.08 -7.30
C ASN A 296 22.67 2.17 -8.46
N ILE A 297 21.41 2.35 -8.88
CA ILE A 297 20.78 1.58 -9.96
C ILE A 297 21.41 1.91 -11.31
N HIS A 298 21.40 3.20 -11.66
CA HIS A 298 21.83 3.70 -12.97
C HIS A 298 22.08 5.23 -12.91
N PRO A 299 23.18 5.71 -13.56
CA PRO A 299 23.48 7.16 -13.58
C PRO A 299 22.49 7.99 -14.42
N ILE A 300 22.01 7.41 -15.52
CA ILE A 300 21.07 8.07 -16.43
C ILE A 300 19.64 7.89 -15.89
N THR A 301 19.05 9.00 -15.45
CA THR A 301 17.72 9.00 -14.82
C THR A 301 16.86 10.16 -15.35
N ILE A 302 15.55 9.94 -15.44
CA ILE A 302 14.58 11.01 -15.83
C ILE A 302 13.56 11.22 -14.70
N GLY A 303 13.47 12.48 -14.23
CA GLY A 303 12.52 12.88 -13.19
C GLY A 303 13.16 13.46 -11.94
N LYS A 304 12.35 13.62 -10.90
CA LYS A 304 12.83 14.02 -9.57
C LYS A 304 13.46 12.78 -8.91
N CYS A 305 14.76 12.63 -9.14
CA CYS A 305 15.50 11.41 -8.83
C CYS A 305 16.49 11.54 -7.67
N PRO A 306 16.74 10.44 -6.91
CA PRO A 306 17.84 10.42 -5.94
C PRO A 306 19.18 10.48 -6.66
N LYS A 307 20.16 11.11 -6.01
CA LYS A 307 21.50 11.30 -6.60
C LYS A 307 22.26 9.99 -6.75
N TYR A 308 22.83 9.77 -7.93
CA TYR A 308 23.58 8.55 -8.22
C TYR A 308 24.94 8.54 -7.53
N VAL A 309 25.22 7.42 -6.86
CA VAL A 309 26.49 7.16 -6.16
C VAL A 309 27.03 5.77 -6.53
N LYS A 310 28.34 5.55 -6.33
CA LYS A 310 28.98 4.24 -6.57
C LYS A 310 29.06 3.32 -5.33
N SER A 311 28.33 3.68 -4.28
CA SER A 311 28.30 2.95 -3.01
C SER A 311 27.52 1.64 -3.12
N THR A 312 27.98 0.62 -2.41
CA THR A 312 27.26 -0.67 -2.30
C THR A 312 26.31 -0.65 -1.11
N LYS A 313 26.70 0.07 -0.05
CA LYS A 313 25.84 0.34 1.12
C LYS A 313 26.10 1.73 1.74
N LEU A 314 25.03 2.34 2.23
CA LEU A 314 25.09 3.59 3.00
C LEU A 314 24.19 3.46 4.23
N ARG A 315 24.52 2.49 5.08
CA ARG A 315 23.74 2.14 6.26
C ARG A 315 24.04 3.07 7.43
N LEU A 316 22.98 3.69 7.94
CA LEU A 316 23.05 4.66 9.02
C LEU A 316 22.53 4.03 10.32
N ALA A 317 23.39 3.98 11.33
CA ALA A 317 23.06 3.40 12.64
C ALA A 317 22.03 4.26 13.36
N THR A 318 20.98 3.60 13.88
CA THR A 318 19.94 4.25 14.68
C THR A 318 19.97 3.72 16.11
N GLY A 319 20.11 2.39 16.23
CA GLY A 319 20.26 1.73 17.52
C GLY A 319 21.67 1.84 18.06
N LEU A 320 21.94 1.09 19.12
CA LEU A 320 23.24 1.11 19.81
C LEU A 320 24.11 -0.10 19.45
N ARG A 321 25.38 -0.04 19.89
CA ARG A 321 26.37 -1.10 19.69
C ARG A 321 25.88 -2.43 20.30
N ASN A 322 25.74 -3.45 19.45
CA ASN A 322 25.17 -4.73 19.85
C ASN A 322 26.23 -5.69 20.43
N VAL A 323 26.23 -5.81 21.77
CA VAL A 323 27.16 -6.70 22.50
C VAL A 323 26.36 -7.54 23.54
N PRO A 324 25.96 -8.79 23.16
CA PRO A 324 25.28 -9.68 24.12
C PRO A 324 26.22 -10.32 25.15
N ALA B 5 30.76 4.50 28.34
CA ALA B 5 29.70 3.74 29.08
C ALA B 5 29.37 2.41 28.41
N ILE B 6 29.01 2.46 27.12
CA ILE B 6 28.75 1.26 26.31
C ILE B 6 30.10 0.61 25.97
N ALA B 7 30.27 -0.63 26.45
CA ALA B 7 31.55 -1.39 26.42
C ALA B 7 32.70 -0.73 27.22
N GLY B 8 32.42 0.44 27.81
CA GLY B 8 33.36 1.18 28.65
C GLY B 8 33.51 0.53 30.02
N PHE B 9 32.65 0.92 30.96
CA PHE B 9 32.59 0.27 32.28
C PHE B 9 31.50 -0.82 32.38
N ILE B 10 30.33 -0.53 31.79
CA ILE B 10 29.25 -1.52 31.65
C ILE B 10 29.66 -2.46 30.50
N GLU B 11 30.07 -3.68 30.88
CA GLU B 11 30.68 -4.68 29.98
C GLU B 11 29.87 -4.98 28.71
N GLY B 12 28.63 -5.41 28.89
CA GLY B 12 27.75 -5.79 27.76
C GLY B 12 26.33 -5.29 27.88
N GLY B 13 25.54 -5.62 26.85
CA GLY B 13 24.12 -5.28 26.80
C GLY B 13 23.24 -6.47 27.13
N TRP B 14 21.98 -6.19 27.44
CA TRP B 14 21.03 -7.23 27.84
C TRP B 14 20.06 -7.60 26.73
N THR B 15 20.06 -8.88 26.37
CA THR B 15 19.05 -9.46 25.48
C THR B 15 17.74 -9.66 26.25
N GLY B 16 17.86 -9.75 27.58
CA GLY B 16 16.73 -9.85 28.49
C GLY B 16 15.87 -8.61 28.56
N MET B 17 16.51 -7.43 28.49
CA MET B 17 15.80 -6.16 28.40
C MET B 17 15.24 -5.98 26.99
N VAL B 18 13.92 -6.14 26.89
CA VAL B 18 13.21 -6.35 25.63
C VAL B 18 12.52 -5.08 25.09
N ASP B 19 12.02 -4.24 25.99
CA ASP B 19 11.10 -3.14 25.67
C ASP B 19 11.70 -1.71 25.66
N GLY B 20 13.03 -1.61 25.60
CA GLY B 20 13.70 -0.29 25.57
C GLY B 20 15.18 -0.35 25.26
N TRP B 21 15.72 0.80 24.85
CA TRP B 21 17.15 0.93 24.54
C TRP B 21 18.02 1.03 25.78
N TYR B 22 17.57 1.79 26.77
CA TYR B 22 18.27 1.92 28.05
C TYR B 22 17.30 1.63 29.20
N GLY B 23 17.82 1.03 30.26
CA GLY B 23 17.00 0.74 31.44
C GLY B 23 17.78 0.23 32.64
N TYR B 24 17.07 -0.54 33.47
CA TYR B 24 17.59 -1.01 34.75
C TYR B 24 17.27 -2.47 35.02
N HIS B 25 18.20 -3.16 35.68
CA HIS B 25 17.94 -4.48 36.26
C HIS B 25 18.06 -4.40 37.77
N HIS B 26 16.97 -4.73 38.45
CA HIS B 26 16.92 -4.71 39.91
C HIS B 26 16.90 -6.12 40.51
N GLN B 27 17.13 -6.21 41.82
CA GLN B 27 17.08 -7.47 42.58
C GLN B 27 16.87 -7.18 44.07
N ASN B 28 15.74 -7.66 44.61
CA ASN B 28 15.41 -7.57 46.05
C ASN B 28 14.61 -8.81 46.54
N GLU B 29 14.01 -8.71 47.72
CA GLU B 29 13.17 -9.78 48.31
C GLU B 29 11.89 -10.07 47.52
N GLN B 30 11.25 -9.00 47.03
CA GLN B 30 10.01 -9.07 46.23
C GLN B 30 10.21 -9.74 44.87
N GLY B 31 11.44 -9.66 44.34
CA GLY B 31 11.81 -10.28 43.07
C GLY B 31 12.97 -9.61 42.36
N SER B 32 13.04 -9.82 41.05
CA SER B 32 14.07 -9.27 40.17
C SER B 32 13.55 -9.15 38.74
N GLY B 33 14.29 -8.42 37.89
CA GLY B 33 13.94 -8.30 36.48
C GLY B 33 14.39 -7.03 35.78
N TYR B 34 14.30 -7.06 34.46
CA TYR B 34 14.67 -5.93 33.61
C TYR B 34 13.49 -4.97 33.44
N ALA B 35 13.80 -3.68 33.48
CA ALA B 35 12.81 -2.62 33.28
C ALA B 35 13.42 -1.51 32.43
N ALA B 36 12.80 -1.25 31.29
CA ALA B 36 13.28 -0.25 30.35
C ALA B 36 12.87 1.15 30.77
N ASP B 37 13.84 2.07 30.77
CA ASP B 37 13.56 3.49 30.95
C ASP B 37 12.94 4.03 29.67
N LEU B 38 11.61 4.18 29.71
CA LEU B 38 10.82 4.57 28.54
C LEU B 38 11.11 5.99 28.09
N LYS B 39 11.12 6.93 29.04
CA LYS B 39 11.35 8.38 28.80
C LYS B 39 12.64 8.68 28.03
N SER B 40 13.76 8.06 28.46
CA SER B 40 15.06 8.26 27.81
C SER B 40 15.18 7.54 26.46
N THR B 41 14.54 6.37 26.35
CA THR B 41 14.44 5.61 25.09
C THR B 41 13.63 6.40 24.06
N GLN B 42 12.50 6.96 24.49
CA GLN B 42 11.61 7.77 23.65
C GLN B 42 12.29 9.02 23.08
N ASN B 43 13.03 9.74 23.94
CA ASN B 43 13.82 10.89 23.51
C ASN B 43 14.89 10.50 22.50
N ALA B 44 15.66 9.47 22.83
CA ALA B 44 16.71 8.92 21.93
C ALA B 44 16.17 8.63 20.53
N ILE B 45 15.03 7.93 20.44
CA ILE B 45 14.35 7.67 19.17
C ILE B 45 13.95 9.00 18.49
N ASP B 46 13.25 9.87 19.24
CA ASP B 46 12.81 11.20 18.74
C ASP B 46 13.93 12.07 18.16
N LYS B 47 15.13 12.00 18.75
CA LYS B 47 16.29 12.76 18.28
C LYS B 47 16.94 12.10 17.05
N ILE B 48 17.10 10.77 17.09
CA ILE B 48 17.69 9.99 15.98
C ILE B 48 16.76 9.96 14.74
N THR B 49 15.43 9.96 14.95
CA THR B 49 14.45 10.08 13.85
C THR B 49 14.60 11.42 13.15
N ASN B 50 14.83 12.47 13.95
CA ASN B 50 15.10 13.82 13.44
C ASN B 50 16.40 13.84 12.62
N LYS B 51 17.42 13.10 13.07
CA LYS B 51 18.70 12.94 12.36
C LYS B 51 18.53 12.24 11.00
N VAL B 52 17.80 11.12 11.02
CA VAL B 52 17.52 10.31 9.82
C VAL B 52 16.68 11.12 8.82
N ASN B 53 15.65 11.80 9.32
CA ASN B 53 14.79 12.67 8.49
C ASN B 53 15.54 13.87 7.91
N SER B 54 16.44 14.47 8.70
CA SER B 54 17.24 15.64 8.25
C SER B 54 18.17 15.32 7.07
N VAL B 55 18.80 14.14 7.11
CA VAL B 55 19.69 13.64 6.03
C VAL B 55 18.86 13.32 4.76
N ILE B 56 17.64 12.84 4.96
CA ILE B 56 16.72 12.44 3.87
C ILE B 56 16.01 13.65 3.24
N GLU B 57 15.30 14.44 4.06
CA GLU B 57 14.39 15.52 3.59
C GLU B 57 15.09 16.73 2.97
N LYS B 58 16.31 17.03 3.43
CA LYS B 58 17.09 18.18 2.94
C LYS B 58 17.60 18.02 1.50
N MET B 59 17.48 16.81 0.97
CA MET B 59 17.73 16.51 -0.43
C MET B 59 16.46 16.85 -1.22
N ASN B 60 16.44 18.05 -1.80
CA ASN B 60 15.36 18.45 -2.70
C ASN B 60 15.92 18.58 -4.11
N THR B 61 15.61 17.57 -4.92
CA THR B 61 16.19 17.41 -6.26
C THR B 61 15.33 18.01 -7.35
N GLN B 62 15.99 18.62 -8.33
CA GLN B 62 15.36 19.22 -9.50
C GLN B 62 14.93 18.12 -10.49
N PHE B 63 13.89 18.42 -11.27
CA PHE B 63 13.49 17.55 -12.40
C PHE B 63 14.57 17.65 -13.47
N THR B 64 15.23 16.53 -13.73
CA THR B 64 16.35 16.47 -14.67
C THR B 64 16.32 15.18 -15.49
N ALA B 65 16.70 15.30 -16.76
CA ALA B 65 16.97 14.17 -17.62
C ALA B 65 18.48 14.12 -17.89
N VAL B 66 19.14 13.18 -17.22
CA VAL B 66 20.62 13.01 -17.26
C VAL B 66 21.12 12.66 -18.67
N GLY B 67 20.31 11.90 -19.40
CA GLY B 67 20.62 11.46 -20.77
C GLY B 67 20.75 12.57 -21.79
N LYS B 68 21.76 12.44 -22.65
CA LYS B 68 22.03 13.34 -23.77
C LYS B 68 22.48 12.55 -25.00
N GLU B 69 22.29 13.13 -26.18
CA GLU B 69 22.68 12.50 -27.44
C GLU B 69 23.54 13.43 -28.29
N PHE B 70 24.68 12.91 -28.74
CA PHE B 70 25.61 13.64 -29.60
C PHE B 70 26.11 12.75 -30.74
N ASN B 71 26.16 13.30 -31.95
CA ASN B 71 26.62 12.56 -33.14
C ASN B 71 28.14 12.33 -33.18
N HIS B 72 28.62 11.71 -34.27
CA HIS B 72 30.04 11.36 -34.48
C HIS B 72 31.01 12.57 -34.55
N LEU B 73 30.46 13.76 -34.84
CA LEU B 73 31.24 15.00 -34.92
C LEU B 73 30.98 15.94 -33.71
N GLU B 74 30.57 15.35 -32.58
CA GLU B 74 30.27 16.08 -31.34
C GLU B 74 30.84 15.37 -30.10
N LYS B 75 32.03 14.78 -30.25
CA LYS B 75 32.69 14.00 -29.18
C LYS B 75 33.21 14.87 -28.01
N ARG B 76 33.61 16.11 -28.31
CA ARG B 76 34.13 17.06 -27.30
C ARG B 76 33.08 17.42 -26.24
N ILE B 77 31.89 17.83 -26.70
CA ILE B 77 30.75 18.16 -25.81
C ILE B 77 30.11 16.90 -25.19
N GLU B 78 30.28 15.75 -25.85
CA GLU B 78 29.91 14.44 -25.30
C GLU B 78 30.78 14.11 -24.08
N ASN B 79 32.08 14.37 -24.21
CA ASN B 79 33.04 14.18 -23.11
C ASN B 79 32.90 15.25 -22.01
N LEU B 80 32.43 16.44 -22.40
CA LEU B 80 32.08 17.49 -21.43
C LEU B 80 30.89 17.07 -20.57
N ASN B 81 29.89 16.45 -21.23
CA ASN B 81 28.72 15.89 -20.57
C ASN B 81 29.09 14.76 -19.59
N LYS B 82 30.03 13.91 -20.01
CA LYS B 82 30.56 12.81 -19.18
C LYS B 82 31.32 13.36 -17.97
N LYS B 83 32.08 14.43 -18.17
CA LYS B 83 32.84 15.12 -17.11
C LYS B 83 31.91 15.71 -16.04
N VAL B 84 30.76 16.22 -16.49
CA VAL B 84 29.70 16.76 -15.61
C VAL B 84 29.06 15.63 -14.76
N ASP B 85 28.74 14.51 -15.43
CA ASP B 85 28.17 13.32 -14.76
C ASP B 85 29.14 12.62 -13.80
N ASP B 86 30.38 12.40 -14.26
CA ASP B 86 31.46 11.80 -13.44
C ASP B 86 31.90 12.71 -12.30
N GLY B 87 31.78 14.02 -12.52
CA GLY B 87 32.06 15.04 -11.52
C GLY B 87 31.06 15.00 -10.37
N PHE B 88 29.76 14.97 -10.71
CA PHE B 88 28.68 14.84 -9.71
C PHE B 88 28.73 13.50 -8.98
N LEU B 89 29.08 12.44 -9.73
CA LEU B 89 29.21 11.08 -9.17
C LEU B 89 30.25 11.04 -8.05
N ASP B 90 31.45 11.56 -8.32
CA ASP B 90 32.54 11.61 -7.35
C ASP B 90 32.22 12.47 -6.12
N ILE B 91 31.63 13.65 -6.35
CA ILE B 91 31.21 14.57 -5.26
C ILE B 91 30.18 13.90 -4.33
N TRP B 92 29.15 13.29 -4.94
CA TRP B 92 28.07 12.64 -4.17
C TRP B 92 28.46 11.35 -3.45
N THR B 93 29.23 10.48 -4.12
CA THR B 93 29.74 9.23 -3.50
C THR B 93 30.60 9.54 -2.28
N TYR B 94 31.50 10.53 -2.41
CA TYR B 94 32.41 10.95 -1.34
C TYR B 94 31.69 11.58 -0.14
N ASN B 95 30.81 12.55 -0.43
CA ASN B 95 30.04 13.25 0.61
C ASN B 95 29.06 12.33 1.34
N ALA B 96 28.31 11.50 0.59
CA ALA B 96 27.36 10.53 1.15
C ALA B 96 28.03 9.51 2.05
N GLU B 97 29.19 9.02 1.62
CA GLU B 97 29.96 8.00 2.37
C GLU B 97 30.48 8.56 3.68
N LEU B 98 31.14 9.72 3.63
CA LEU B 98 31.69 10.38 4.82
C LEU B 98 30.62 10.83 5.81
N LEU B 99 29.52 11.37 5.27
CA LEU B 99 28.35 11.76 6.08
C LEU B 99 27.86 10.60 6.94
N VAL B 100 27.75 9.42 6.33
CA VAL B 100 27.39 8.16 7.01
C VAL B 100 28.41 7.83 8.10
N LEU B 101 29.70 7.86 7.75
CA LEU B 101 30.79 7.58 8.69
C LEU B 101 30.79 8.53 9.91
N LEU B 102 30.57 9.82 9.64
CA LEU B 102 30.57 10.86 10.69
C LEU B 102 29.31 10.82 11.55
N GLU B 103 28.15 10.53 10.95
CA GLU B 103 26.88 10.46 11.67
C GLU B 103 26.74 9.21 12.54
N ASN B 104 27.29 8.08 12.07
CA ASN B 104 27.30 6.82 12.83
C ASN B 104 28.16 6.92 14.09
N GLU B 105 29.28 7.64 13.99
CA GLU B 105 30.13 7.96 15.13
C GLU B 105 29.36 8.77 16.17
N ARG B 106 28.68 9.82 15.71
CA ARG B 106 27.88 10.70 16.55
C ARG B 106 26.69 10.00 17.21
N THR B 107 26.05 9.09 16.47
CA THR B 107 24.92 8.29 16.98
C THR B 107 25.35 7.34 18.11
N LEU B 108 26.45 6.60 17.88
CA LEU B 108 27.03 5.69 18.89
C LEU B 108 27.60 6.44 20.10
N ASP B 109 28.13 7.65 19.87
CA ASP B 109 28.54 8.56 20.94
C ASP B 109 27.34 9.10 21.74
N TYR B 110 26.23 9.34 21.03
CA TYR B 110 24.98 9.82 21.65
C TYR B 110 24.39 8.76 22.59
N HIS B 111 24.42 7.49 22.17
CA HIS B 111 23.95 6.37 23.00
C HIS B 111 24.81 6.19 24.24
N ASP B 112 26.13 6.41 24.08
CA ASP B 112 27.11 6.34 25.17
C ASP B 112 26.83 7.40 26.24
N SER B 113 26.46 8.61 25.79
CA SER B 113 26.11 9.73 26.67
C SER B 113 24.87 9.45 27.50
N ASN B 114 23.84 8.87 26.87
CA ASN B 114 22.57 8.55 27.52
C ASN B 114 22.69 7.47 28.60
N VAL B 115 23.51 6.45 28.33
CA VAL B 115 23.79 5.37 29.29
C VAL B 115 24.61 5.91 30.47
N LYS B 116 25.60 6.77 30.17
CA LYS B 116 26.45 7.41 31.19
C LYS B 116 25.66 8.38 32.07
N ASN B 117 24.84 9.24 31.45
CA ASN B 117 24.00 10.22 32.17
C ASN B 117 22.85 9.58 32.95
N LEU B 118 22.61 8.29 32.71
CA LEU B 118 21.62 7.51 33.46
C LEU B 118 22.25 6.87 34.70
N TYR B 119 23.49 6.38 34.53
CA TYR B 119 24.32 5.87 35.64
C TYR B 119 24.66 7.01 36.62
N GLU B 120 25.01 8.17 36.07
CA GLU B 120 25.39 9.36 36.85
C GLU B 120 24.18 10.18 37.32
N LYS B 121 22.99 9.55 37.33
CA LYS B 121 21.78 10.07 37.98
C LYS B 121 21.42 9.18 39.17
N VAL B 122 21.66 7.88 39.01
CA VAL B 122 21.48 6.88 40.07
C VAL B 122 22.57 7.06 41.14
N ARG B 123 23.83 7.11 40.71
CA ARG B 123 25.00 7.42 41.57
C ARG B 123 24.84 8.77 42.27
N ASN B 124 24.30 9.74 41.53
CA ASN B 124 24.08 11.11 42.00
C ASN B 124 23.02 11.22 43.10
N GLN B 125 22.10 10.26 43.14
CA GLN B 125 21.05 10.20 44.18
C GLN B 125 21.42 9.35 45.39
N LEU B 126 22.15 8.24 45.16
CA LEU B 126 22.45 7.24 46.21
C LEU B 126 23.59 7.63 47.16
N LYS B 127 24.77 7.94 46.59
CA LYS B 127 26.03 8.21 47.34
C LYS B 127 26.50 7.03 48.25
N ASN B 128 26.27 7.17 49.56
CA ASN B 128 26.79 6.24 50.60
C ASN B 128 25.98 4.94 50.78
N ASN B 129 24.70 4.98 50.43
CA ASN B 129 23.76 3.86 50.64
C ASN B 129 24.03 2.59 49.80
N ALA B 130 24.77 2.75 48.70
CA ALA B 130 25.15 1.63 47.84
C ALA B 130 26.60 1.77 47.34
N LYS B 131 27.28 0.62 47.26
CA LYS B 131 28.66 0.58 46.75
C LYS B 131 28.68 0.30 45.25
N GLU B 132 29.53 1.05 44.55
CA GLU B 132 29.75 0.86 43.12
C GLU B 132 30.65 -0.37 42.91
N ILE B 133 30.03 -1.48 42.49
CA ILE B 133 30.76 -2.72 42.16
C ILE B 133 31.50 -2.55 40.82
N GLY B 134 31.14 -1.48 40.09
CA GLY B 134 31.54 -1.30 38.70
C GLY B 134 30.48 -1.97 37.86
N ASN B 135 30.81 -2.24 36.59
CA ASN B 135 29.93 -2.96 35.64
C ASN B 135 28.48 -2.39 35.51
N GLY B 136 28.28 -1.17 36.00
CA GLY B 136 26.99 -0.49 35.97
C GLY B 136 26.04 -0.76 37.13
N CYS B 137 26.52 -1.50 38.13
CA CYS B 137 25.68 -1.95 39.26
C CYS B 137 25.95 -1.23 40.59
N PHE B 138 24.92 -1.22 41.45
CA PHE B 138 24.98 -0.64 42.79
C PHE B 138 24.47 -1.65 43.81
N GLU B 139 25.38 -2.18 44.63
CA GLU B 139 25.02 -3.13 45.70
C GLU B 139 24.62 -2.34 46.95
N PHE B 140 23.30 -2.33 47.22
CA PHE B 140 22.71 -1.63 48.36
C PHE B 140 23.17 -2.22 49.69
N TYR B 141 23.56 -1.33 50.60
CA TYR B 141 23.91 -1.71 51.97
C TYR B 141 22.66 -1.85 52.87
N HIS B 142 21.47 -1.70 52.28
CA HIS B 142 20.20 -1.73 53.01
C HIS B 142 19.06 -2.40 52.21
N LYS B 143 17.89 -2.53 52.85
CA LYS B 143 16.68 -3.05 52.22
C LYS B 143 16.11 -1.99 51.26
N CYS B 144 16.17 -2.29 49.97
CA CYS B 144 15.55 -1.44 48.96
C CYS B 144 14.39 -2.19 48.28
N ASP B 145 13.19 -1.92 48.78
CA ASP B 145 11.94 -2.50 48.26
C ASP B 145 11.58 -1.98 46.85
N ASN B 146 10.49 -2.51 46.28
CA ASN B 146 10.03 -2.11 44.93
C ASN B 146 9.66 -0.64 44.80
N THR B 147 9.20 -0.03 45.91
CA THR B 147 8.92 1.41 45.98
C THR B 147 10.24 2.22 46.02
N CYS B 148 11.21 1.73 46.81
CA CYS B 148 12.57 2.30 46.89
C CYS B 148 13.29 2.25 45.54
N MET B 149 13.11 1.12 44.84
CA MET B 149 13.71 0.89 43.53
C MET B 149 13.09 1.80 42.46
N GLU B 150 11.76 1.99 42.56
CA GLU B 150 11.02 2.85 41.64
C GLU B 150 11.25 4.33 41.92
N SER B 151 11.58 4.67 43.18
CA SER B 151 11.90 6.04 43.60
C SER B 151 13.23 6.54 43.01
N VAL B 152 14.16 5.61 42.78
CA VAL B 152 15.43 5.89 42.10
C VAL B 152 15.17 6.10 40.58
N LYS B 153 14.34 5.22 40.01
CA LYS B 153 14.00 5.21 38.56
C LYS B 153 13.38 6.53 38.07
N ASN B 154 12.40 7.05 38.82
CA ASN B 154 11.72 8.31 38.48
C ASN B 154 12.45 9.58 38.97
N GLY B 155 13.46 9.39 39.82
CA GLY B 155 14.28 10.48 40.35
C GLY B 155 13.69 11.23 41.55
N THR B 156 13.04 10.49 42.45
CA THR B 156 12.46 11.04 43.69
C THR B 156 12.90 10.22 44.92
N TYR B 157 14.20 9.91 44.97
CA TYR B 157 14.79 9.09 46.04
C TYR B 157 15.10 9.89 47.30
N ASP B 158 14.81 9.29 48.46
CA ASP B 158 15.10 9.88 49.76
C ASP B 158 16.35 9.23 50.37
N TYR B 159 17.45 10.00 50.40
CA TYR B 159 18.77 9.52 50.86
C TYR B 159 18.93 9.24 52.39
N PRO B 160 18.60 10.23 53.29
CA PRO B 160 18.99 10.12 54.72
C PRO B 160 18.42 8.92 55.52
N LYS B 161 17.21 8.46 55.14
CA LYS B 161 16.49 7.42 55.92
C LYS B 161 17.07 5.99 55.80
N TYR B 162 18.12 5.81 54.99
CA TYR B 162 18.79 4.51 54.81
C TYR B 162 20.29 4.54 55.19
N SER B 163 20.86 5.75 55.29
CA SER B 163 22.29 5.99 55.56
C SER B 163 22.80 5.37 56.87
N GLU B 164 21.95 5.42 57.91
CA GLU B 164 22.25 4.83 59.23
C GLU B 164 22.27 3.29 59.18
N GLU B 165 21.38 2.71 58.35
CA GLU B 165 21.32 1.28 58.09
C GLU B 165 22.50 0.86 57.22
N ALA B 166 22.90 1.76 56.31
CA ALA B 166 24.06 1.58 55.43
C ALA B 166 25.39 1.71 56.17
N LYS B 167 25.43 2.57 57.19
CA LYS B 167 26.63 2.82 58.01
C LYS B 167 27.09 1.57 58.78
N LEU B 168 26.14 0.86 59.37
CA LEU B 168 26.41 -0.39 60.10
C LEU B 168 26.79 -1.55 59.17
N ASN B 169 26.33 -1.48 57.91
CA ASN B 169 26.69 -2.44 56.87
C ASN B 169 27.84 -1.92 56.02
N ASP C 1 -5.88 7.66 31.74
CA ASP C 1 -4.56 8.10 31.21
C ASP C 1 -4.75 9.22 30.16
N ILE C 2 -4.46 8.90 28.90
CA ILE C 2 -4.58 9.82 27.78
C ILE C 2 -5.84 9.43 27.00
N GLN C 3 -6.71 10.40 26.77
CA GLN C 3 -7.98 10.16 26.09
C GLN C 3 -7.81 10.33 24.58
N MET C 4 -8.12 9.27 23.83
CA MET C 4 -8.04 9.31 22.36
C MET C 4 -9.41 9.57 21.74
N THR C 5 -9.55 10.78 21.20
CA THR C 5 -10.81 11.25 20.61
C THR C 5 -10.73 11.10 19.08
N GLN C 6 -11.58 10.23 18.54
CA GLN C 6 -11.58 9.90 17.11
C GLN C 6 -12.79 10.51 16.38
N SER C 7 -12.56 10.96 15.14
CA SER C 7 -13.59 11.54 14.26
C SER C 7 -13.30 11.18 12.79
N PRO C 8 -14.31 10.78 11.98
CA PRO C 8 -15.74 10.66 12.38
C PRO C 8 -16.05 9.34 13.11
N ALA C 9 -17.32 9.12 13.44
CA ALA C 9 -17.76 7.85 14.05
C ALA C 9 -18.11 6.84 12.96
N THR C 10 -18.90 7.27 11.97
CA THR C 10 -19.23 6.47 10.79
C THR C 10 -18.89 7.24 9.51
N LEU C 11 -18.62 6.50 8.43
CA LEU C 11 -18.18 7.05 7.16
C LEU C 11 -18.63 6.19 5.98
N SER C 12 -19.16 6.85 4.94
CA SER C 12 -19.61 6.19 3.72
C SER C 12 -19.09 6.93 2.48
N ALA C 13 -18.13 6.30 1.81
CA ALA C 13 -17.51 6.85 0.59
C ALA C 13 -17.40 5.80 -0.52
N SER C 14 -17.36 6.28 -1.76
CA SER C 14 -17.29 5.42 -2.95
C SER C 14 -15.87 4.90 -3.23
N VAL C 15 -15.76 4.00 -4.21
CA VAL C 15 -14.46 3.45 -4.66
C VAL C 15 -13.71 4.55 -5.43
N GLY C 16 -12.48 4.85 -4.98
CA GLY C 16 -11.64 5.90 -5.57
C GLY C 16 -11.61 7.18 -4.77
N ASP C 17 -12.53 7.31 -3.81
CA ASP C 17 -12.63 8.49 -2.92
C ASP C 17 -11.47 8.57 -1.92
N ARG C 18 -11.18 9.80 -1.48
CA ARG C 18 -10.17 10.05 -0.45
C ARG C 18 -10.85 10.12 0.93
N VAL C 19 -10.38 9.27 1.83
CA VAL C 19 -10.96 9.11 3.17
C VAL C 19 -9.95 9.58 4.23
N SER C 20 -10.43 10.42 5.15
CA SER C 20 -9.58 10.95 6.20
C SER C 20 -10.21 10.71 7.57
N ILE C 21 -9.44 10.04 8.44
CA ILE C 21 -9.85 9.74 9.81
C ILE C 21 -8.91 10.48 10.76
N THR C 22 -9.49 11.31 11.63
CA THR C 22 -8.74 12.18 12.55
C THR C 22 -8.82 11.68 14.00
N CYS C 23 -7.65 11.55 14.63
CA CYS C 23 -7.53 11.16 16.04
C CYS C 23 -6.86 12.26 16.86
N ARG C 24 -7.33 12.46 18.08
CA ARG C 24 -6.81 13.51 18.98
C ARG C 24 -6.50 13.00 20.39
N ALA C 25 -5.28 13.27 20.83
CA ALA C 25 -4.83 12.92 22.18
C ALA C 25 -5.09 14.06 23.16
N SER C 26 -5.39 13.71 24.41
CA SER C 26 -5.66 14.70 25.48
C SER C 26 -4.40 15.46 25.94
N GLN C 27 -3.23 14.91 25.60
CA GLN C 27 -1.92 15.53 25.86
C GLN C 27 -0.92 15.16 24.74
N SER C 28 0.21 15.86 24.70
CA SER C 28 1.25 15.62 23.69
C SER C 28 1.84 14.21 23.82
N ILE C 29 1.64 13.41 22.76
CA ILE C 29 2.13 12.00 22.71
C ILE C 29 3.25 11.80 21.67
N SER C 30 3.95 12.90 21.36
CA SER C 30 5.02 12.94 20.34
C SER C 30 4.57 12.33 19.00
N SER C 31 5.10 11.16 18.66
CA SER C 31 4.70 10.42 17.45
C SER C 31 4.36 8.96 17.76
N TRP C 32 4.04 8.69 19.03
CA TRP C 32 3.73 7.33 19.51
C TRP C 32 2.26 7.02 19.30
N LEU C 33 1.86 6.95 18.03
CA LEU C 33 0.48 6.69 17.63
C LEU C 33 0.42 5.62 16.56
N ALA C 34 -0.47 4.65 16.78
CA ALA C 34 -0.67 3.53 15.86
C ALA C 34 -2.08 3.53 15.26
N TRP C 35 -2.19 2.98 14.04
CA TRP C 35 -3.47 2.82 13.36
C TRP C 35 -3.74 1.34 13.06
N TYR C 36 -4.92 0.87 13.48
CA TYR C 36 -5.35 -0.52 13.28
C TYR C 36 -6.58 -0.62 12.39
N GLN C 37 -6.65 -1.71 11.62
CA GLN C 37 -7.81 -2.04 10.79
C GLN C 37 -8.45 -3.31 11.34
N GLN C 38 -9.71 -3.22 11.75
CA GLN C 38 -10.44 -4.39 12.25
C GLN C 38 -11.57 -4.81 11.32
N LYS C 39 -11.31 -5.89 10.58
CA LYS C 39 -12.32 -6.56 9.74
C LYS C 39 -13.31 -7.32 10.66
N PRO C 40 -14.57 -7.52 10.20
CA PRO C 40 -15.61 -8.19 11.03
C PRO C 40 -15.21 -9.56 11.59
N GLY C 41 -15.39 -9.72 12.91
CA GLY C 41 -15.05 -10.96 13.64
C GLY C 41 -13.60 -11.39 13.55
N LYS C 42 -12.70 -10.40 13.49
CA LYS C 42 -11.25 -10.63 13.37
C LYS C 42 -10.45 -9.72 14.31
N ALA C 43 -9.20 -10.10 14.56
CA ALA C 43 -8.27 -9.30 15.35
C ALA C 43 -7.75 -8.11 14.53
N PRO C 44 -7.54 -6.93 15.20
CA PRO C 44 -7.03 -5.73 14.49
C PRO C 44 -5.68 -5.94 13.82
N LYS C 45 -5.59 -5.48 12.57
CA LYS C 45 -4.37 -5.54 11.76
C LYS C 45 -3.67 -4.18 11.82
N LEU C 46 -2.38 -4.20 12.15
CA LEU C 46 -1.55 -2.99 12.22
C LEU C 46 -1.31 -2.43 10.82
N LEU C 47 -1.67 -1.16 10.62
CA LEU C 47 -1.48 -0.47 9.34
C LEU C 47 -0.32 0.51 9.39
N ILE C 48 -0.35 1.40 10.40
CA ILE C 48 0.66 2.44 10.61
C ILE C 48 1.10 2.46 12.08
N TYR C 49 2.41 2.39 12.30
CA TYR C 49 3.00 2.60 13.62
C TYR C 49 3.86 3.86 13.57
N LYS C 50 4.17 4.43 14.74
CA LYS C 50 5.01 5.65 14.85
C LYS C 50 4.44 6.83 13.99
N ALA C 51 3.12 7.03 14.12
CA ALA C 51 2.33 8.12 13.48
C ALA C 51 2.25 8.14 11.94
N SER C 52 3.33 7.76 11.27
CA SER C 52 3.44 7.86 9.80
C SER C 52 4.04 6.65 9.10
N SER C 53 4.85 5.86 9.82
CA SER C 53 5.55 4.68 9.26
C SER C 53 4.60 3.56 8.88
N LEU C 54 4.72 3.09 7.64
CA LEU C 54 3.83 2.07 7.09
C LEU C 54 4.31 0.65 7.39
N GLU C 55 3.37 -0.19 7.84
CA GLU C 55 3.61 -1.62 8.11
C GLU C 55 3.88 -2.37 6.81
N SER C 56 4.83 -3.31 6.87
CA SER C 56 5.22 -4.15 5.72
C SER C 56 4.06 -5.02 5.23
N GLY C 57 3.78 -4.93 3.93
CA GLY C 57 2.67 -5.67 3.29
C GLY C 57 1.35 -4.93 3.24
N VAL C 58 1.31 -3.71 3.77
CA VAL C 58 0.11 -2.85 3.76
C VAL C 58 0.17 -1.91 2.53
N PRO C 59 -0.93 -1.86 1.72
CA PRO C 59 -1.03 -0.97 0.53
C PRO C 59 -0.69 0.48 0.82
N SER C 60 0.09 1.09 -0.09
CA SER C 60 0.59 2.47 0.04
C SER C 60 -0.50 3.57 0.00
N ARG C 61 -1.73 3.17 -0.36
CA ARG C 61 -2.90 4.06 -0.29
C ARG C 61 -3.21 4.50 1.15
N PHE C 62 -2.88 3.62 2.11
CA PHE C 62 -2.92 3.94 3.55
C PHE C 62 -1.69 4.77 3.92
N SER C 63 -1.93 5.89 4.61
CA SER C 63 -0.86 6.80 5.05
C SER C 63 -1.21 7.48 6.37
N GLY C 64 -0.17 7.78 7.15
CA GLY C 64 -0.32 8.47 8.43
C GLY C 64 0.42 9.79 8.46
N SER C 65 -0.11 10.74 9.24
CA SER C 65 0.48 12.07 9.43
C SER C 65 0.09 12.67 10.78
N GLY C 66 1.01 13.43 11.36
CA GLY C 66 0.75 14.15 12.62
C GLY C 66 1.77 13.92 13.71
N SER C 67 1.82 14.88 14.64
CA SER C 67 2.68 14.81 15.83
C SER C 67 2.09 15.67 16.95
N GLY C 68 2.18 15.17 18.19
CA GLY C 68 1.69 15.87 19.37
C GLY C 68 0.31 15.42 19.79
N SER C 69 -0.72 16.04 19.20
CA SER C 69 -2.12 15.76 19.53
C SER C 69 -2.96 15.35 18.32
N GLU C 70 -2.85 16.11 17.23
CA GLU C 70 -3.67 15.90 16.02
C GLU C 70 -3.00 14.92 15.06
N PHE C 71 -3.69 13.81 14.78
CA PHE C 71 -3.21 12.75 13.89
C PHE C 71 -4.24 12.43 12.80
N THR C 72 -3.75 11.95 11.65
CA THR C 72 -4.61 11.71 10.47
C THR C 72 -4.21 10.43 9.71
N LEU C 73 -5.20 9.53 9.54
CA LEU C 73 -5.10 8.37 8.66
C LEU C 73 -5.79 8.70 7.34
N THR C 74 -5.12 8.40 6.23
CA THR C 74 -5.65 8.72 4.90
C THR C 74 -5.62 7.51 3.99
N ILE C 75 -6.80 7.18 3.44
CA ILE C 75 -6.95 6.20 2.37
C ILE C 75 -7.16 7.02 1.08
N SER C 76 -6.11 7.08 0.26
CA SER C 76 -6.06 7.93 -0.95
C SER C 76 -7.08 7.55 -2.02
N SER C 77 -7.18 6.23 -2.27
CA SER C 77 -8.14 5.68 -3.22
C SER C 77 -8.81 4.46 -2.59
N LEU C 78 -10.00 4.68 -2.04
CA LEU C 78 -10.75 3.66 -1.30
C LEU C 78 -11.11 2.44 -2.15
N GLN C 79 -11.00 1.26 -1.54
CA GLN C 79 -11.26 -0.02 -2.21
C GLN C 79 -12.37 -0.82 -1.49
N PRO C 80 -13.10 -1.71 -2.21
CA PRO C 80 -14.20 -2.50 -1.59
C PRO C 80 -13.80 -3.31 -0.35
N ASP C 81 -12.51 -3.70 -0.27
CA ASP C 81 -11.94 -4.45 0.85
C ASP C 81 -11.65 -3.58 2.09
N ASP C 82 -11.67 -2.25 1.91
CA ASP C 82 -11.39 -1.29 3.01
C ASP C 82 -12.55 -1.12 4.02
N PHE C 83 -13.63 -1.88 3.84
CA PHE C 83 -14.73 -1.93 4.82
C PHE C 83 -14.24 -2.57 6.13
N ALA C 84 -14.17 -1.74 7.17
CA ALA C 84 -13.68 -2.13 8.51
C ALA C 84 -13.88 -0.99 9.53
N ILE C 85 -13.65 -1.31 10.80
CA ILE C 85 -13.58 -0.32 11.86
C ILE C 85 -12.10 0.01 12.08
N TYR C 86 -11.76 1.30 11.98
CA TYR C 86 -10.38 1.78 12.13
C TYR C 86 -10.15 2.39 13.50
N TYR C 87 -9.01 2.03 14.11
CA TYR C 87 -8.67 2.46 15.48
C TYR C 87 -7.31 3.16 15.56
N CYS C 88 -7.26 4.22 16.34
CA CYS C 88 -6.00 4.88 16.70
C CYS C 88 -5.61 4.49 18.11
N GLN C 89 -4.32 4.26 18.33
CA GLN C 89 -3.79 3.84 19.65
C GLN C 89 -2.51 4.58 20.00
N GLN C 90 -2.51 5.20 21.18
CA GLN C 90 -1.29 5.82 21.71
C GLN C 90 -0.45 4.81 22.49
N TYR C 91 0.86 4.93 22.36
CA TYR C 91 1.81 4.14 23.18
C TYR C 91 2.94 5.00 23.75
N ASN C 92 2.58 6.24 24.11
CA ASN C 92 3.46 7.19 24.79
C ASN C 92 3.68 6.79 26.25
N SER C 93 2.60 6.40 26.93
CA SER C 93 2.63 5.97 28.34
C SER C 93 1.53 4.96 28.67
N TYR C 94 1.63 4.36 29.86
CA TYR C 94 0.66 3.35 30.35
C TYR C 94 -0.46 3.97 31.20
N PRO C 95 -1.71 3.49 31.10
CA PRO C 95 -2.14 2.42 30.17
C PRO C 95 -2.25 2.86 28.71
N TRP C 96 -1.98 1.95 27.77
CA TRP C 96 -2.22 2.21 26.35
C TRP C 96 -3.71 2.40 26.14
N THR C 97 -4.08 3.47 25.45
CA THR C 97 -5.49 3.77 25.20
C THR C 97 -5.78 3.85 23.71
N PHE C 98 -6.90 3.24 23.33
CA PHE C 98 -7.39 3.23 21.96
C PHE C 98 -8.43 4.33 21.75
N GLY C 99 -8.65 4.71 20.50
CA GLY C 99 -9.76 5.58 20.11
C GLY C 99 -11.04 4.77 20.11
N GLN C 100 -12.19 5.47 20.17
CA GLN C 100 -13.51 4.79 20.19
C GLN C 100 -13.82 4.01 18.90
N GLY C 101 -13.28 4.47 17.77
CA GLY C 101 -13.40 3.77 16.49
C GLY C 101 -14.08 4.58 15.40
N THR C 102 -13.77 4.21 14.15
CA THR C 102 -14.38 4.81 12.96
C THR C 102 -14.74 3.68 11.98
N LYS C 103 -16.04 3.49 11.79
CA LYS C 103 -16.55 2.48 10.86
C LYS C 103 -16.68 3.06 9.45
N VAL C 104 -15.98 2.44 8.51
CA VAL C 104 -15.98 2.87 7.10
C VAL C 104 -16.73 1.81 6.28
N GLU C 105 -17.83 2.25 5.64
CA GLU C 105 -18.59 1.39 4.72
C GLU C 105 -18.46 1.91 3.28
N ILE C 106 -18.49 0.97 2.31
CA ILE C 106 -18.23 1.30 0.91
C ILE C 106 -19.53 1.68 0.18
N LYS C 107 -19.50 2.83 -0.48
CA LYS C 107 -20.62 3.33 -1.28
C LYS C 107 -20.51 2.79 -2.70
N ARG C 108 -21.62 2.25 -3.20
CA ARG C 108 -21.69 1.70 -4.56
C ARG C 108 -23.05 2.00 -5.23
N THR C 109 -23.18 1.57 -6.49
CA THR C 109 -24.42 1.68 -7.26
C THR C 109 -25.56 0.85 -6.64
N VAL C 110 -26.79 1.34 -6.79
CA VAL C 110 -27.99 0.72 -6.20
C VAL C 110 -28.25 -0.66 -6.81
N ALA C 111 -28.42 -1.66 -5.95
CA ALA C 111 -28.70 -3.05 -6.35
C ALA C 111 -29.90 -3.60 -5.60
N ALA C 112 -30.92 -4.00 -6.38
CA ALA C 112 -32.17 -4.55 -5.85
C ALA C 112 -31.99 -5.95 -5.23
N PRO C 113 -32.69 -6.24 -4.09
CA PRO C 113 -32.56 -7.56 -3.44
C PRO C 113 -33.28 -8.69 -4.16
N SER C 114 -32.67 -9.89 -4.11
CA SER C 114 -33.31 -11.13 -4.54
C SER C 114 -34.07 -11.68 -3.34
N VAL C 115 -35.39 -11.78 -3.47
CA VAL C 115 -36.25 -12.18 -2.34
C VAL C 115 -36.58 -13.68 -2.39
N PHE C 116 -36.34 -14.35 -1.27
CA PHE C 116 -36.66 -15.78 -1.08
C PHE C 116 -37.46 -15.99 0.21
N ILE C 117 -38.39 -16.94 0.16
CA ILE C 117 -39.25 -17.27 1.31
C ILE C 117 -39.10 -18.76 1.71
N PHE C 118 -38.96 -19.00 3.01
CA PHE C 118 -38.76 -20.34 3.56
C PHE C 118 -39.84 -20.73 4.57
N PRO C 119 -40.65 -21.78 4.26
CA PRO C 119 -41.64 -22.31 5.21
C PRO C 119 -40.95 -23.10 6.34
N PRO C 120 -41.58 -23.15 7.55
CA PRO C 120 -40.98 -23.96 8.63
C PRO C 120 -41.01 -25.44 8.28
N SER C 121 -39.86 -26.09 8.43
CA SER C 121 -39.70 -27.52 8.14
C SER C 121 -40.60 -28.36 9.04
N ASP C 122 -41.18 -29.42 8.45
CA ASP C 122 -42.06 -30.36 9.17
C ASP C 122 -41.40 -31.07 10.37
N GLU C 123 -40.09 -30.85 10.52
CA GLU C 123 -39.30 -31.31 11.66
C GLU C 123 -39.46 -30.36 12.85
N GLN C 124 -39.44 -29.05 12.57
CA GLN C 124 -39.64 -28.00 13.59
C GLN C 124 -41.09 -27.96 14.08
N LEU C 125 -42.02 -28.24 13.17
CA LEU C 125 -43.47 -28.27 13.45
C LEU C 125 -43.88 -29.34 14.47
N LYS C 126 -43.05 -30.40 14.60
CA LYS C 126 -43.28 -31.50 15.54
C LYS C 126 -42.99 -31.17 17.03
N SER C 127 -42.52 -29.95 17.30
CA SER C 127 -42.15 -29.51 18.67
C SER C 127 -42.92 -28.30 19.22
N GLY C 128 -43.86 -27.78 18.44
CA GLY C 128 -44.75 -26.68 18.87
C GLY C 128 -44.27 -25.27 18.59
N THR C 129 -43.42 -25.12 17.56
CA THR C 129 -42.87 -23.82 17.13
C THR C 129 -42.72 -23.82 15.60
N ALA C 130 -43.16 -22.72 14.97
CA ALA C 130 -42.99 -22.54 13.52
C ALA C 130 -42.28 -21.24 13.19
N SER C 131 -41.21 -21.35 12.42
CA SER C 131 -40.40 -20.20 12.01
C SER C 131 -40.38 -20.02 10.48
N VAL C 132 -40.96 -18.92 10.03
CA VAL C 132 -40.98 -18.54 8.62
C VAL C 132 -39.85 -17.55 8.37
N VAL C 133 -38.97 -17.89 7.42
CA VAL C 133 -37.75 -17.13 7.14
C VAL C 133 -37.83 -16.45 5.75
N CYS C 134 -37.57 -15.15 5.72
CA CYS C 134 -37.46 -14.38 4.47
C CYS C 134 -36.03 -13.93 4.27
N LEU C 135 -35.52 -14.10 3.04
CA LEU C 135 -34.15 -13.76 2.68
C LEU C 135 -34.07 -12.70 1.58
N LEU C 136 -33.42 -11.59 1.91
CA LEU C 136 -33.06 -10.55 0.96
C LEU C 136 -31.57 -10.75 0.68
N ASN C 137 -31.25 -11.03 -0.58
CA ASN C 137 -29.89 -11.46 -0.94
C ASN C 137 -29.15 -10.54 -1.91
N ASN C 138 -27.92 -10.18 -1.52
CA ASN C 138 -26.97 -9.36 -2.30
C ASN C 138 -27.57 -8.03 -2.81
N PHE C 139 -27.73 -7.08 -1.88
CA PHE C 139 -28.36 -5.78 -2.15
C PHE C 139 -27.61 -4.60 -1.54
N TYR C 140 -27.79 -3.42 -2.16
CA TYR C 140 -27.28 -2.15 -1.65
C TYR C 140 -28.27 -1.01 -1.98
N PRO C 141 -28.55 -0.07 -1.06
CA PRO C 141 -27.98 0.04 0.32
C PRO C 141 -28.56 -0.95 1.34
N ARG C 142 -27.98 -0.94 2.55
CA ARG C 142 -28.33 -1.86 3.64
C ARG C 142 -29.78 -1.79 4.09
N GLU C 143 -30.36 -0.58 4.05
CA GLU C 143 -31.72 -0.32 4.53
C GLU C 143 -32.77 -0.93 3.62
N ALA C 144 -33.75 -1.60 4.26
CA ALA C 144 -34.92 -2.17 3.60
C ALA C 144 -36.02 -2.44 4.62
N LYS C 145 -37.27 -2.20 4.22
CA LYS C 145 -38.43 -2.54 5.04
C LYS C 145 -38.92 -3.95 4.69
N VAL C 146 -38.99 -4.80 5.72
CA VAL C 146 -39.49 -6.17 5.58
C VAL C 146 -40.74 -6.33 6.45
N GLN C 147 -41.90 -6.38 5.80
CA GLN C 147 -43.19 -6.54 6.49
C GLN C 147 -43.83 -7.89 6.22
N TRP C 148 -44.33 -8.51 7.30
CA TRP C 148 -44.94 -9.83 7.25
C TRP C 148 -46.46 -9.77 7.13
N LYS C 149 -47.01 -10.67 6.33
CA LYS C 149 -48.46 -10.77 6.10
C LYS C 149 -48.93 -12.23 6.17
N VAL C 150 -50.00 -12.46 6.93
CA VAL C 150 -50.63 -13.80 7.07
C VAL C 150 -51.88 -13.98 6.18
N ASP C 151 -52.53 -12.87 5.85
CA ASP C 151 -53.65 -12.86 4.89
C ASP C 151 -53.45 -11.58 4.08
N ASN C 152 -54.03 -10.51 4.61
CA ASN C 152 -53.83 -9.13 4.20
C ASN C 152 -53.38 -8.42 5.49
N ALA C 153 -53.41 -9.18 6.59
CA ALA C 153 -53.10 -8.71 7.95
C ALA C 153 -51.60 -8.49 8.18
N LEU C 154 -51.27 -7.25 8.54
CA LEU C 154 -49.90 -6.83 8.81
C LEU C 154 -49.48 -7.27 10.22
N GLN C 155 -48.29 -7.85 10.31
CA GLN C 155 -47.77 -8.39 11.57
C GLN C 155 -46.97 -7.34 12.35
N SER C 156 -47.09 -7.38 13.67
CA SER C 156 -46.54 -6.33 14.56
C SER C 156 -45.13 -6.63 15.14
N GLY C 157 -45.06 -7.12 16.39
CA GLY C 157 -43.79 -7.28 17.10
C GLY C 157 -43.37 -8.70 17.44
N ASN C 158 -43.50 -9.60 16.45
CA ASN C 158 -43.10 -11.00 16.58
C ASN C 158 -42.13 -11.44 15.45
N SER C 159 -41.30 -10.49 15.01
CA SER C 159 -40.32 -10.72 13.95
C SER C 159 -38.97 -10.06 14.27
N GLN C 160 -37.90 -10.75 13.92
CA GLN C 160 -36.53 -10.27 14.09
C GLN C 160 -35.70 -10.44 12.82
N GLU C 161 -34.90 -9.42 12.52
CA GLU C 161 -34.03 -9.43 11.33
C GLU C 161 -32.55 -9.29 11.68
N SER C 162 -31.71 -9.87 10.83
CA SER C 162 -30.26 -9.83 10.96
C SER C 162 -29.62 -9.54 9.62
N VAL C 163 -28.64 -8.64 9.63
CA VAL C 163 -27.93 -8.21 8.41
C VAL C 163 -26.48 -8.68 8.44
N THR C 164 -26.01 -9.24 7.32
CA THR C 164 -24.60 -9.60 7.12
C THR C 164 -23.75 -8.34 7.05
N GLU C 165 -22.46 -8.50 7.34
CA GLU C 165 -21.49 -7.44 7.14
C GLU C 165 -21.24 -7.27 5.64
N GLN C 166 -20.90 -6.04 5.23
CA GLN C 166 -20.68 -5.67 3.84
C GLN C 166 -19.66 -6.60 3.16
N ASP C 167 -20.09 -7.20 2.03
CA ASP C 167 -19.28 -8.15 1.25
C ASP C 167 -18.00 -7.47 0.75
N SER C 168 -16.86 -8.10 1.05
CA SER C 168 -15.53 -7.52 0.75
C SER C 168 -15.09 -7.58 -0.73
N LYS C 169 -16.04 -7.89 -1.63
CA LYS C 169 -15.74 -7.99 -3.07
C LYS C 169 -16.61 -7.07 -3.92
N ASP C 170 -17.94 -7.16 -3.75
CA ASP C 170 -18.91 -6.35 -4.51
C ASP C 170 -19.69 -5.32 -3.66
N SER C 171 -19.35 -5.23 -2.37
CA SER C 171 -19.92 -4.26 -1.39
C SER C 171 -21.45 -4.36 -1.19
N THR C 172 -21.98 -5.59 -1.25
CA THR C 172 -23.41 -5.85 -1.05
C THR C 172 -23.74 -6.42 0.35
N TYR C 173 -25.02 -6.35 0.72
CA TYR C 173 -25.52 -6.86 2.00
C TYR C 173 -26.53 -8.01 1.82
N SER C 174 -26.76 -8.75 2.90
CA SER C 174 -27.81 -9.78 2.95
C SER C 174 -28.59 -9.68 4.26
N LEU C 175 -29.91 -9.69 4.16
CA LEU C 175 -30.80 -9.57 5.30
C LEU C 175 -31.72 -10.79 5.43
N SER C 176 -31.86 -11.30 6.66
CA SER C 176 -32.74 -12.43 6.95
C SER C 176 -33.75 -12.08 8.05
N SER C 177 -35.03 -12.04 7.66
CA SER C 177 -36.14 -11.77 8.57
C SER C 177 -36.78 -13.08 9.02
N THR C 178 -37.04 -13.20 10.32
CA THR C 178 -37.60 -14.43 10.91
C THR C 178 -38.91 -14.14 11.64
N LEU C 179 -39.97 -14.82 11.21
CA LEU C 179 -41.29 -14.75 11.84
C LEU C 179 -41.57 -16.04 12.63
N THR C 180 -41.68 -15.90 13.96
CA THR C 180 -41.87 -17.04 14.86
C THR C 180 -43.34 -17.19 15.27
N SER C 182 -45.66 -19.90 16.32
CA SER C 182 -46.83 -20.84 16.31
C SER C 182 -46.87 -21.69 17.62
N LYS C 183 -47.24 -22.99 17.60
CA LYS C 183 -47.68 -23.79 16.43
C LYS C 183 -49.17 -23.63 16.12
N ALA C 184 -49.98 -23.51 17.19
CA ALA C 184 -51.44 -23.32 17.10
C ALA C 184 -51.86 -22.11 16.24
N ASP C 185 -51.07 -21.03 16.33
CA ASP C 185 -51.28 -19.83 15.51
C ASP C 185 -50.90 -20.03 14.03
N TYR C 186 -49.89 -20.87 13.78
CA TYR C 186 -49.44 -21.17 12.40
C TYR C 186 -50.40 -22.08 11.64
N GLU C 187 -50.91 -23.11 12.33
CA GLU C 187 -51.88 -24.07 11.76
C GLU C 187 -53.24 -23.40 11.44
N LYS C 188 -53.49 -22.26 12.09
CA LYS C 188 -54.70 -21.46 11.90
C LYS C 188 -54.76 -20.77 10.52
N HIS C 189 -53.61 -20.36 9.99
CA HIS C 189 -53.55 -19.54 8.76
C HIS C 189 -52.88 -20.21 7.55
N LYS C 190 -53.25 -19.74 6.35
CA LYS C 190 -52.86 -20.35 5.05
C LYS C 190 -51.71 -19.66 4.28
N VAL C 191 -51.93 -18.42 3.84
CA VAL C 191 -50.97 -17.65 3.03
C VAL C 191 -49.91 -17.00 3.94
N TYR C 192 -48.64 -17.03 3.53
CA TYR C 192 -47.56 -16.38 4.29
C TYR C 192 -46.67 -15.53 3.39
N ALA C 193 -46.89 -14.22 3.46
CA ALA C 193 -46.27 -13.24 2.57
C ALA C 193 -45.16 -12.42 3.24
N CYS C 194 -44.12 -12.13 2.44
CA CYS C 194 -43.00 -11.28 2.84
C CYS C 194 -42.90 -10.08 1.89
N GLU C 195 -43.32 -8.91 2.39
CA GLU C 195 -43.31 -7.66 1.62
C GLU C 195 -41.96 -6.93 1.81
N VAL C 196 -41.28 -6.67 0.69
CA VAL C 196 -39.93 -6.09 0.70
C VAL C 196 -39.92 -4.71 0.02
N THR C 197 -39.62 -3.67 0.81
CA THR C 197 -39.52 -2.30 0.32
C THR C 197 -38.05 -1.87 0.30
N HIS C 198 -37.57 -1.55 -0.90
CA HIS C 198 -36.18 -1.14 -1.14
C HIS C 198 -36.14 -0.06 -2.23
N GLN C 199 -35.17 0.85 -2.11
CA GLN C 199 -35.02 2.00 -3.04
C GLN C 199 -34.64 1.60 -4.49
N GLY C 200 -34.16 0.38 -4.67
CA GLY C 200 -33.82 -0.15 -6.00
C GLY C 200 -35.01 -0.72 -6.77
N LEU C 201 -36.08 -1.02 -6.03
CA LEU C 201 -37.31 -1.59 -6.60
C LEU C 201 -38.33 -0.49 -6.91
N SER C 202 -39.04 -0.65 -8.03
CA SER C 202 -40.08 0.29 -8.47
C SER C 202 -41.27 0.31 -7.51
N SER C 203 -41.66 -0.88 -7.06
CA SER C 203 -42.74 -1.11 -6.10
C SER C 203 -42.37 -2.30 -5.18
N PRO C 204 -43.02 -2.43 -3.98
CA PRO C 204 -42.70 -3.55 -3.07
C PRO C 204 -42.87 -4.95 -3.69
N VAL C 205 -41.93 -5.85 -3.36
CA VAL C 205 -41.92 -7.23 -3.86
C VAL C 205 -42.50 -8.16 -2.79
N THR C 206 -43.41 -9.04 -3.21
CA THR C 206 -44.07 -10.00 -2.32
C THR C 206 -43.75 -11.44 -2.75
N LYS C 207 -43.12 -12.18 -1.85
CA LYS C 207 -42.86 -13.61 -2.03
C LYS C 207 -43.64 -14.39 -0.97
N SER C 208 -44.60 -15.21 -1.44
CA SER C 208 -45.53 -15.93 -0.58
C SER C 208 -45.68 -17.42 -0.91
N PHE C 209 -46.22 -18.18 0.05
CA PHE C 209 -46.52 -19.61 -0.12
C PHE C 209 -47.85 -20.02 0.54
N ASN C 210 -48.44 -21.10 0.03
CA ASN C 210 -49.60 -21.73 0.65
C ASN C 210 -49.15 -22.95 1.47
N ARG C 211 -49.68 -23.03 2.69
CA ARG C 211 -49.32 -24.06 3.67
C ARG C 211 -49.73 -25.47 3.21
N GLY C 212 -48.72 -26.26 2.80
CA GLY C 212 -48.92 -27.63 2.31
C GLY C 212 -48.09 -27.93 1.08
N GLN D 1 6.71 -14.47 11.74
CA GLN D 1 5.30 -14.96 11.85
C GLN D 1 5.17 -15.95 13.02
N VAL D 2 4.20 -15.70 13.89
CA VAL D 2 3.96 -16.50 15.11
C VAL D 2 2.45 -16.67 15.41
N GLN D 3 2.06 -17.89 15.78
CA GLN D 3 0.66 -18.20 16.15
C GLN D 3 0.38 -18.00 17.63
N LEU D 4 -0.80 -17.43 17.89
CA LEU D 4 -1.33 -17.21 19.24
C LEU D 4 -2.78 -17.67 19.26
N GLN D 5 -3.13 -18.48 20.26
CA GLN D 5 -4.47 -19.08 20.33
C GLN D 5 -5.08 -18.95 21.73
N GLU D 6 -6.22 -18.27 21.79
CA GLU D 6 -6.96 -18.06 23.02
C GLU D 6 -7.90 -19.22 23.33
N SER D 7 -7.93 -19.61 24.60
CA SER D 7 -8.81 -20.67 25.10
C SER D 7 -9.36 -20.26 26.45
N GLY D 8 -10.64 -20.54 26.66
CA GLY D 8 -11.33 -20.19 27.91
C GLY D 8 -12.67 -20.87 28.11
N PRO D 9 -13.42 -20.46 29.17
CA PRO D 9 -14.73 -21.06 29.45
C PRO D 9 -15.83 -20.66 28.44
N GLY D 10 -15.79 -19.40 27.97
CA GLY D 10 -16.84 -18.86 27.08
C GLY D 10 -18.04 -18.35 27.85
N LEU D 11 -18.40 -19.07 28.91
CA LEU D 11 -19.46 -18.69 29.84
C LEU D 11 -18.91 -18.76 31.27
N VAL D 12 -19.06 -17.66 32.00
CA VAL D 12 -18.65 -17.55 33.40
C VAL D 12 -19.73 -16.78 34.20
N LYS D 13 -20.07 -17.30 35.39
CA LYS D 13 -21.13 -16.69 36.22
C LYS D 13 -20.66 -15.42 36.97
N PRO D 14 -21.60 -14.45 37.23
CA PRO D 14 -21.24 -13.21 37.97
C PRO D 14 -20.55 -13.47 39.31
N SER D 15 -19.59 -12.59 39.63
CA SER D 15 -18.72 -12.65 40.85
C SER D 15 -17.62 -13.75 40.86
N GLU D 16 -17.64 -14.64 39.85
CA GLU D 16 -16.62 -15.70 39.70
C GLU D 16 -15.29 -15.16 39.15
N THR D 17 -14.34 -16.07 38.90
CA THR D 17 -13.03 -15.74 38.34
C THR D 17 -12.90 -16.30 36.91
N LEU D 18 -12.63 -15.39 35.96
CA LEU D 18 -12.39 -15.75 34.56
C LEU D 18 -10.94 -16.16 34.36
N SER D 19 -10.76 -17.31 33.70
CA SER D 19 -9.43 -17.85 33.41
C SER D 19 -9.25 -18.14 31.92
N LEU D 20 -8.34 -17.39 31.29
CA LEU D 20 -8.04 -17.52 29.86
C LEU D 20 -6.59 -17.92 29.62
N THR D 21 -6.33 -18.61 28.51
CA THR D 21 -5.00 -19.12 28.19
C THR D 21 -4.63 -18.84 26.72
N CYS D 22 -3.45 -18.25 26.54
CA CYS D 22 -2.89 -17.97 25.22
C CYS D 22 -1.80 -18.99 24.90
N SER D 23 -2.13 -19.91 23.98
CA SER D 23 -1.20 -20.94 23.53
C SER D 23 -0.39 -20.41 22.35
N VAL D 24 0.92 -20.31 22.55
CA VAL D 24 1.83 -19.73 21.57
C VAL D 24 2.69 -20.80 20.90
N SER D 25 2.73 -20.77 19.58
CA SER D 25 3.58 -21.65 18.76
C SER D 25 4.29 -20.83 17.68
N GLY D 26 5.61 -21.01 17.59
CA GLY D 26 6.45 -20.27 16.64
C GLY D 26 7.53 -19.44 17.30
N ALA D 27 7.32 -19.10 18.58
CA ALA D 27 8.29 -18.36 19.40
C ALA D 27 8.16 -18.73 20.89
N SER D 28 9.24 -18.50 21.64
CA SER D 28 9.29 -18.79 23.07
C SER D 28 8.49 -17.78 23.91
N ILE D 29 7.78 -18.31 24.90
CA ILE D 29 6.95 -17.50 25.81
C ILE D 29 7.79 -16.64 26.80
N SER D 30 9.03 -17.08 27.04
CA SER D 30 9.95 -16.44 27.99
C SER D 30 10.70 -15.23 27.42
N SER D 31 10.71 -15.10 26.09
CA SER D 31 11.51 -14.09 25.38
C SER D 31 10.80 -12.75 25.08
N TYR D 32 9.49 -12.70 25.35
CA TYR D 32 8.66 -11.54 24.95
C TYR D 32 7.73 -11.05 26.05
N TYR D 33 7.38 -9.76 26.00
CA TYR D 33 6.25 -9.21 26.75
C TYR D 33 4.97 -9.65 26.05
N TRP D 34 3.97 -10.02 26.83
CA TRP D 34 2.68 -10.44 26.28
C TRP D 34 1.56 -9.59 26.86
N ILE D 35 0.60 -9.22 26.00
CA ILE D 35 -0.52 -8.34 26.39
C ILE D 35 -1.91 -8.97 26.20
N TRP D 36 -2.84 -8.60 27.08
CA TRP D 36 -4.25 -8.93 26.93
C TRP D 36 -5.02 -7.66 26.58
N ILE D 37 -5.88 -7.76 25.56
CA ILE D 37 -6.75 -6.65 25.11
C ILE D 37 -8.18 -7.19 24.94
N ARG D 38 -9.15 -6.50 25.54
CA ARG D 38 -10.57 -6.87 25.41
C ARG D 38 -11.44 -5.76 24.82
N GLN D 39 -12.39 -6.15 23.97
CA GLN D 39 -13.42 -5.22 23.45
C GLN D 39 -14.85 -5.72 23.76
N PRO D 40 -15.64 -4.92 24.54
CA PRO D 40 -17.03 -5.28 24.89
C PRO D 40 -17.99 -5.21 23.69
N GLY D 42 -19.96 -3.91 21.22
CA GLY D 42 -20.42 -2.70 21.90
C GLY D 42 -19.38 -1.59 21.90
N LYS D 43 -18.63 -1.51 22.98
CA LYS D 43 -17.56 -0.50 23.17
C LYS D 43 -16.32 -0.83 22.31
N GLY D 44 -15.42 0.15 22.16
CA GLY D 44 -14.13 -0.03 21.48
C GLY D 44 -13.12 -0.90 22.24
N LEU D 45 -11.85 -0.77 21.88
CA LEU D 45 -10.78 -1.59 22.45
C LEU D 45 -10.22 -1.07 23.78
N GLU D 46 -10.02 -2.00 24.72
CA GLU D 46 -9.47 -1.71 26.05
C GLU D 46 -8.26 -2.60 26.34
N TRP D 47 -7.15 -1.97 26.72
CA TRP D 47 -5.89 -2.62 27.06
C TRP D 47 -5.90 -3.06 28.54
N ILE D 48 -5.86 -4.38 28.75
CA ILE D 48 -5.91 -4.97 30.11
C ILE D 48 -4.57 -4.79 30.83
N GLY D 49 -3.48 -5.22 30.19
CA GLY D 49 -2.14 -5.10 30.75
C GLY D 49 -1.06 -5.88 30.04
N ARG D 50 0.17 -5.78 30.55
CA ARG D 50 1.34 -6.51 30.03
C ARG D 50 2.07 -7.33 31.10
N PHE D 51 2.64 -8.47 30.67
CA PHE D 51 3.39 -9.37 31.54
C PHE D 51 4.64 -9.91 30.85
N TYR D 52 5.71 -10.04 31.63
CA TYR D 52 6.98 -10.60 31.17
C TYR D 52 7.57 -11.52 32.25
N THR D 53 8.19 -12.62 31.79
CA THR D 53 8.80 -13.64 32.66
C THR D 53 9.86 -13.05 33.62
N SER D 54 10.65 -12.07 33.12
CA SER D 54 11.69 -11.42 33.93
C SER D 54 11.93 -9.93 33.56
N GLY D 55 11.06 -9.00 33.96
CA GLY D 55 9.85 -9.22 34.77
C GLY D 55 9.07 -7.95 34.98
N SER D 56 8.49 -7.79 36.18
CA SER D 56 7.65 -6.64 36.60
C SER D 56 6.43 -6.24 35.71
N PRO D 57 5.30 -6.99 35.83
CA PRO D 57 4.09 -6.70 35.05
C PRO D 57 3.46 -5.32 35.25
N ASN D 58 2.60 -4.92 34.32
CA ASN D 58 1.85 -3.66 34.40
C ASN D 58 0.42 -3.90 33.94
N TYR D 59 -0.53 -3.43 34.75
CA TYR D 59 -1.96 -3.57 34.46
C TYR D 59 -2.68 -2.21 34.48
N ASN D 60 -3.80 -2.14 33.75
CA ASN D 60 -4.64 -0.95 33.68
C ASN D 60 -5.20 -0.59 35.07
N PRO D 61 -5.01 0.69 35.53
CA PRO D 61 -5.50 1.19 36.83
C PRO D 61 -6.99 0.92 37.11
N SER D 62 -7.81 0.91 36.06
CA SER D 62 -9.24 0.61 36.16
C SER D 62 -9.56 -0.89 36.34
N LEU D 63 -8.52 -1.74 36.29
CA LEU D 63 -8.66 -3.19 36.44
C LEU D 63 -7.68 -3.85 37.44
N ARG D 64 -6.59 -3.14 37.79
CA ARG D 64 -5.47 -3.64 38.64
C ARG D 64 -5.84 -4.59 39.80
N SER D 65 -6.89 -4.22 40.53
CA SER D 65 -7.37 -4.96 41.71
C SER D 65 -7.92 -6.36 41.40
N ARG D 66 -8.38 -6.56 40.16
CA ARG D 66 -9.04 -7.80 39.75
C ARG D 66 -8.23 -8.66 38.77
N VAL D 67 -7.22 -8.06 38.11
CA VAL D 67 -6.41 -8.76 37.09
C VAL D 67 -5.11 -9.37 37.61
N THR D 68 -4.77 -10.54 37.06
CA THR D 68 -3.55 -11.28 37.36
C THR D 68 -3.11 -12.01 36.09
N MET D 69 -1.82 -11.92 35.76
CA MET D 69 -1.25 -12.61 34.59
C MET D 69 -0.10 -13.53 34.98
N SER D 70 0.02 -14.64 34.24
CA SER D 70 1.06 -15.65 34.49
C SER D 70 1.55 -16.31 33.20
N VAL D 71 2.75 -16.89 33.27
CA VAL D 71 3.39 -17.55 32.13
C VAL D 71 3.82 -18.97 32.53
N ASP D 72 3.33 -19.95 31.77
CA ASP D 72 3.71 -21.36 31.92
C ASP D 72 4.77 -21.70 30.87
N THR D 73 6.01 -21.87 31.34
CA THR D 73 7.18 -22.11 30.47
C THR D 73 7.19 -23.48 29.80
N SER D 74 6.65 -24.50 30.50
CA SER D 74 6.64 -25.89 30.03
C SER D 74 5.65 -26.12 28.86
N LYS D 75 4.42 -25.64 29.03
CA LYS D 75 3.37 -25.76 28.00
C LYS D 75 3.38 -24.61 26.96
N ASN D 76 4.31 -23.65 27.16
CA ASN D 76 4.48 -22.43 26.33
C ASN D 76 3.19 -21.59 26.27
N GLN D 77 2.65 -21.27 27.46
CA GLN D 77 1.34 -20.62 27.61
C GLN D 77 1.36 -19.31 28.40
N PHE D 78 0.36 -18.47 28.14
CA PHE D 78 0.20 -17.15 28.74
C PHE D 78 -1.24 -17.01 29.26
N SER D 79 -1.37 -16.73 30.56
CA SER D 79 -2.67 -16.76 31.24
C SER D 79 -3.18 -15.40 31.75
N LEU D 80 -4.51 -15.27 31.81
CA LEU D 80 -5.20 -14.12 32.41
C LEU D 80 -6.19 -14.58 33.46
N LYS D 81 -6.17 -13.91 34.61
CA LYS D 81 -7.11 -14.17 35.71
C LYS D 81 -7.82 -12.89 36.16
N LEU D 82 -9.05 -12.72 35.69
CA LEU D 82 -9.90 -11.60 36.06
C LEU D 82 -10.91 -12.06 37.11
N THR D 83 -10.77 -11.51 38.33
CA THR D 83 -11.59 -11.91 39.50
C THR D 83 -12.82 -11.02 39.68
N SER D 84 -13.83 -11.56 40.37
CA SER D 84 -15.10 -10.86 40.72
C SER D 84 -15.78 -10.16 39.51
N VAL D 85 -16.01 -10.94 38.46
CA VAL D 85 -16.54 -10.45 37.16
C VAL D 85 -18.03 -10.07 37.20
N THR D 86 -18.38 -9.06 36.41
CA THR D 86 -19.78 -8.62 36.22
C THR D 86 -20.12 -8.59 34.72
N ALA D 87 -21.31 -8.08 34.38
CA ALA D 87 -21.79 -7.94 32.98
C ALA D 87 -20.90 -7.04 32.10
N ALA D 88 -20.19 -6.10 32.74
CA ALA D 88 -19.24 -5.20 32.07
C ALA D 88 -18.02 -5.94 31.48
N ASP D 89 -17.73 -7.12 32.03
CA ASP D 89 -16.60 -7.96 31.59
C ASP D 89 -16.93 -8.89 30.40
N THR D 90 -18.20 -8.85 29.94
CA THR D 90 -18.63 -9.57 28.73
C THR D 90 -17.98 -8.93 27.50
N ALA D 91 -16.94 -9.60 27.00
CA ALA D 91 -16.10 -9.07 25.91
C ALA D 91 -15.44 -10.18 25.08
N VAL D 92 -14.89 -9.79 23.93
CA VAL D 92 -14.01 -10.65 23.14
C VAL D 92 -12.59 -10.35 23.62
N TYR D 93 -11.92 -11.37 24.14
CA TYR D 93 -10.58 -11.23 24.72
C TYR D 93 -9.49 -11.67 23.73
N TYR D 94 -8.51 -10.80 23.54
CA TYR D 94 -7.41 -11.02 22.61
C TYR D 94 -6.07 -11.11 23.34
N CYS D 95 -5.28 -12.13 23.00
CA CYS D 95 -3.90 -12.20 23.44
C CYS D 95 -3.00 -11.78 22.28
N ALA D 96 -2.08 -10.85 22.56
CA ALA D 96 -1.16 -10.31 21.54
C ALA D 96 0.27 -10.25 22.03
N ARG D 97 1.21 -10.37 21.08
CA ARG D 97 2.64 -10.24 21.38
C ARG D 97 3.07 -8.79 21.27
N GLU D 98 3.91 -8.39 22.21
CA GLU D 98 4.54 -7.09 22.22
C GLU D 98 5.94 -7.29 21.65
N GLU D 99 6.14 -6.79 20.42
CA GLU D 99 7.44 -6.91 19.72
C GLU D 99 8.54 -6.17 20.46
N HIS D 100 9.78 -6.67 20.34
CA HIS D 100 10.96 -6.03 20.96
C HIS D 100 11.13 -4.58 20.49
N ILE D 101 11.82 -3.77 21.31
CA ILE D 101 12.11 -2.37 20.97
C ILE D 101 12.81 -2.25 19.61
N THR D 102 12.29 -1.35 18.78
CA THR D 102 12.89 -1.00 17.48
C THR D 102 12.91 0.54 17.34
N PHE D 103 13.01 1.02 16.10
CA PHE D 103 12.93 2.44 15.79
C PHE D 103 11.47 2.93 15.84
N GLY D 104 10.53 1.96 15.92
CA GLY D 104 9.09 2.19 16.03
C GLY D 104 8.55 2.67 17.38
N GLY D 105 8.78 1.96 18.50
CA GLY D 105 9.56 0.72 18.58
C GLY D 105 8.79 -0.50 19.08
N VAL D 106 8.04 -0.30 20.16
CA VAL D 106 7.25 -1.39 20.78
C VAL D 106 5.77 -1.30 20.35
N ILE D 107 5.37 -2.25 19.50
CA ILE D 107 4.01 -2.30 18.92
C ILE D 107 3.44 -3.71 18.75
N VAL D 108 2.13 -3.86 18.95
CA VAL D 108 1.45 -5.15 18.77
C VAL D 108 1.24 -5.42 17.27
N ARG D 109 1.87 -6.49 16.80
CA ARG D 109 1.83 -6.90 15.40
C ARG D 109 1.09 -8.23 15.25
N TYR D 110 1.44 -9.20 16.10
CA TYR D 110 0.84 -10.52 16.07
C TYR D 110 -0.19 -10.66 17.18
N TRP D 111 -1.42 -10.98 16.76
CA TRP D 111 -2.56 -11.13 17.65
C TRP D 111 -3.08 -12.57 17.59
N GLY D 112 -3.89 -12.94 18.57
CA GLY D 112 -4.68 -14.17 18.50
C GLY D 112 -5.95 -13.88 17.72
N GLN D 113 -6.79 -14.89 17.50
CA GLN D 113 -8.05 -14.71 16.76
C GLN D 113 -9.25 -14.28 17.64
N GLY D 114 -9.01 -14.13 18.94
CA GLY D 114 -10.02 -13.63 19.89
C GLY D 114 -11.01 -14.67 20.38
N THR D 115 -11.30 -14.64 21.68
CA THR D 115 -12.27 -15.54 22.31
C THR D 115 -13.40 -14.75 23.02
N LEU D 116 -14.64 -15.11 22.70
CA LEU D 116 -15.82 -14.48 23.30
C LEU D 116 -16.11 -15.07 24.67
N VAL D 117 -16.33 -14.17 25.65
CA VAL D 117 -16.65 -14.55 27.03
C VAL D 117 -17.94 -13.82 27.48
N THR D 118 -18.94 -14.61 27.89
CA THR D 118 -20.22 -14.08 28.38
C THR D 118 -20.31 -14.26 29.89
N VAL D 119 -20.76 -13.21 30.58
CA VAL D 119 -20.99 -13.24 32.03
C VAL D 119 -22.50 -13.25 32.33
N SER D 120 -23.02 -14.44 32.64
CA SER D 120 -24.47 -14.66 32.85
C SER D 120 -24.76 -15.87 33.76
N PRO D 121 -25.77 -15.76 34.66
CA PRO D 121 -26.22 -16.93 35.46
C PRO D 121 -27.01 -17.96 34.63
N ALA D 122 -27.47 -17.55 33.44
CA ALA D 122 -28.23 -18.40 32.50
C ALA D 122 -27.45 -19.62 32.04
N SER D 123 -28.16 -20.75 31.91
CA SER D 123 -27.56 -22.05 31.60
C SER D 123 -27.21 -22.25 30.12
N THR D 124 -26.27 -23.16 29.87
CA THR D 124 -25.83 -23.56 28.53
C THR D 124 -26.93 -24.37 27.86
N LYS D 125 -27.18 -24.10 26.58
CA LYS D 125 -28.20 -24.82 25.81
C LYS D 125 -27.75 -25.15 24.39
N GLY D 126 -27.95 -26.41 24.00
CA GLY D 126 -27.65 -26.90 22.66
C GLY D 126 -28.68 -26.45 21.63
N PRO D 127 -28.23 -26.11 20.41
CA PRO D 127 -29.16 -25.63 19.38
C PRO D 127 -29.91 -26.74 18.66
N SER D 128 -31.10 -26.41 18.17
CA SER D 128 -31.87 -27.28 17.30
C SER D 128 -31.71 -26.76 15.87
N VAL D 129 -31.24 -27.64 14.99
CA VAL D 129 -30.93 -27.28 13.59
C VAL D 129 -32.05 -27.74 12.65
N PHE D 130 -32.59 -26.81 11.87
CA PHE D 130 -33.70 -27.07 10.94
C PHE D 130 -33.33 -26.71 9.51
N PRO D 131 -33.73 -27.56 8.52
CA PRO D 131 -33.42 -27.24 7.12
C PRO D 131 -34.37 -26.21 6.52
N LEU D 132 -33.80 -25.29 5.74
CA LEU D 132 -34.56 -24.34 4.95
C LEU D 132 -34.53 -24.83 3.50
N ALA D 133 -35.57 -25.59 3.14
CA ALA D 133 -35.68 -26.28 1.85
C ALA D 133 -35.89 -25.31 0.66
N PRO D 134 -35.18 -25.58 -0.48
CA PRO D 134 -35.33 -24.72 -1.68
C PRO D 134 -36.68 -24.88 -2.39
N THR D 143 -31.06 -20.37 -10.51
CA THR D 143 -30.46 -20.09 -9.20
C THR D 143 -31.47 -20.39 -8.07
N ALA D 144 -31.05 -21.24 -7.13
CA ALA D 144 -31.89 -21.65 -6.00
C ALA D 144 -31.20 -21.37 -4.66
N ALA D 145 -32.00 -21.00 -3.66
CA ALA D 145 -31.51 -20.71 -2.32
C ALA D 145 -31.98 -21.75 -1.31
N LEU D 146 -31.04 -22.26 -0.51
CA LEU D 146 -31.29 -23.24 0.56
C LEU D 146 -30.46 -22.92 1.80
N GLY D 147 -30.99 -23.24 2.98
CA GLY D 147 -30.33 -22.88 4.24
C GLY D 147 -30.52 -23.77 5.44
N CYS D 148 -29.95 -23.33 6.57
CA CYS D 148 -30.06 -23.99 7.87
C CYS D 148 -30.37 -22.97 8.96
N LEU D 149 -31.33 -23.33 9.81
CA LEU D 149 -31.72 -22.50 10.94
C LEU D 149 -31.20 -23.09 12.25
N VAL D 150 -30.11 -22.51 12.74
CA VAL D 150 -29.53 -22.84 14.06
C VAL D 150 -30.35 -22.07 15.10
N LYS D 151 -31.30 -22.77 15.72
CA LYS D 151 -32.32 -22.14 16.55
C LYS D 151 -32.23 -22.57 18.03
N ASP D 152 -32.52 -21.60 18.92
CA ASP D 152 -32.53 -21.77 20.39
C ASP D 152 -31.21 -22.30 21.01
N TYR D 153 -30.24 -21.40 21.20
CA TYR D 153 -28.95 -21.76 21.83
C TYR D 153 -28.38 -20.69 22.78
N PHE D 154 -27.47 -21.12 23.66
CA PHE D 154 -26.77 -20.24 24.61
C PHE D 154 -25.49 -20.96 25.12
N PRO D 155 -24.34 -20.26 25.20
CA PRO D 155 -24.15 -18.86 24.75
C PRO D 155 -23.50 -18.79 23.35
N GLU D 156 -23.00 -17.61 22.98
CA GLU D 156 -22.24 -17.41 21.72
C GLU D 156 -20.85 -18.08 21.81
N PRO D 157 -20.27 -18.58 20.70
CA PRO D 157 -20.82 -18.54 19.33
C PRO D 157 -21.21 -19.93 18.74
N VAL D 158 -21.67 -19.92 17.50
CA VAL D 158 -21.94 -21.13 16.71
C VAL D 158 -21.18 -21.03 15.38
N THR D 159 -20.41 -22.06 15.06
CA THR D 159 -19.70 -22.14 13.78
C THR D 159 -20.49 -23.02 12.79
N VAL D 160 -20.82 -22.43 11.64
CA VAL D 160 -21.57 -23.13 10.57
C VAL D 160 -20.74 -23.19 9.28
N SER D 161 -20.61 -24.41 8.74
CA SER D 161 -19.95 -24.65 7.46
C SER D 161 -20.86 -25.52 6.56
N TRP D 162 -20.54 -25.57 5.26
CA TRP D 162 -21.32 -26.36 4.30
C TRP D 162 -20.46 -27.42 3.61
N ASN D 163 -20.99 -28.65 3.56
CA ASN D 163 -20.33 -29.86 2.99
C ASN D 163 -18.94 -30.15 3.60
N SER D 164 -18.86 -30.07 4.94
CA SER D 164 -17.61 -30.21 5.74
C SER D 164 -16.52 -29.18 5.37
N GLY D 165 -16.96 -27.97 5.00
CA GLY D 165 -16.07 -26.88 4.61
C GLY D 165 -15.77 -26.77 3.13
N ALA D 166 -16.35 -27.68 2.32
CA ALA D 166 -16.13 -27.71 0.87
C ALA D 166 -16.82 -26.57 0.13
N LEU D 167 -18.07 -26.27 0.51
CA LEU D 167 -18.84 -25.21 -0.10
C LEU D 167 -18.55 -23.87 0.56
N THR D 168 -17.96 -22.96 -0.21
CA THR D 168 -17.58 -21.62 0.25
C THR D 168 -18.37 -20.55 -0.53
N SER D 169 -18.63 -20.84 -1.81
CA SER D 169 -19.31 -19.91 -2.73
C SER D 169 -20.76 -19.58 -2.35
N GLY D 170 -21.02 -18.28 -2.18
CA GLY D 170 -22.36 -17.75 -1.90
C GLY D 170 -22.94 -18.07 -0.53
N VAL D 171 -22.07 -18.39 0.43
CA VAL D 171 -22.49 -18.72 1.82
C VAL D 171 -22.66 -17.44 2.63
N HIS D 172 -23.83 -17.29 3.26
CA HIS D 172 -24.13 -16.16 4.14
C HIS D 172 -24.56 -16.62 5.54
N THR D 173 -23.59 -16.67 6.45
CA THR D 173 -23.84 -16.96 7.86
C THR D 173 -24.14 -15.63 8.56
N PHE D 174 -25.35 -15.54 9.12
CA PHE D 174 -25.85 -14.31 9.73
C PHE D 174 -25.42 -14.12 11.19
N PRO D 175 -25.27 -12.84 11.65
CA PRO D 175 -25.09 -12.59 13.08
C PRO D 175 -26.33 -13.01 13.89
N ALA D 176 -26.09 -13.59 15.07
CA ALA D 176 -27.16 -14.13 15.92
C ALA D 176 -28.07 -13.05 16.52
N VAL D 177 -29.31 -13.42 16.82
CA VAL D 177 -30.30 -12.53 17.46
C VAL D 177 -30.74 -13.04 18.84
N LEU D 178 -30.65 -12.17 19.84
CA LEU D 178 -31.12 -12.48 21.19
C LEU D 178 -32.64 -12.39 21.21
N GLN D 179 -33.27 -13.55 21.40
CA GLN D 179 -34.74 -13.68 21.41
C GLN D 179 -35.35 -13.27 22.75
N SER D 180 -36.68 -13.25 22.82
CA SER D 180 -37.44 -12.92 24.05
C SER D 180 -37.13 -13.84 25.23
N SER D 181 -36.79 -15.10 24.93
CA SER D 181 -36.42 -16.11 25.92
C SER D 181 -35.03 -15.91 26.54
N GLY D 182 -34.18 -15.13 25.86
CA GLY D 182 -32.78 -14.93 26.26
C GLY D 182 -31.84 -15.92 25.58
N LEU D 183 -32.36 -16.59 24.56
CA LEU D 183 -31.64 -17.59 23.77
C LEU D 183 -31.29 -16.99 22.41
N TYR D 184 -30.40 -17.67 21.67
CA TYR D 184 -29.93 -17.18 20.36
C TYR D 184 -30.46 -17.95 19.18
N SER D 185 -30.71 -17.22 18.09
CA SER D 185 -31.16 -17.79 16.82
C SER D 185 -30.27 -17.27 15.68
N LEU D 186 -29.86 -18.19 14.82
CA LEU D 186 -28.94 -17.91 13.72
C LEU D 186 -29.39 -18.65 12.47
N SER D 187 -29.26 -17.96 11.33
CA SER D 187 -29.54 -18.55 10.02
C SER D 187 -28.28 -18.55 9.16
N SER D 188 -28.14 -19.59 8.35
CA SER D 188 -27.03 -19.71 7.41
C SER D 188 -27.58 -20.18 6.08
N VAL D 189 -27.40 -19.36 5.04
CA VAL D 189 -27.93 -19.65 3.70
C VAL D 189 -26.81 -19.80 2.65
N VAL D 190 -27.13 -20.48 1.55
CA VAL D 190 -26.22 -20.64 0.41
C VAL D 190 -27.02 -20.70 -0.91
N THR D 191 -26.62 -19.85 -1.86
CA THR D 191 -27.22 -19.82 -3.20
C THR D 191 -26.42 -20.66 -4.18
N VAL D 192 -27.09 -21.67 -4.73
CA VAL D 192 -26.49 -22.65 -5.67
C VAL D 192 -27.26 -22.67 -7.01
N PRO D 193 -26.64 -23.21 -8.10
CA PRO D 193 -27.40 -23.39 -9.35
C PRO D 193 -28.55 -24.39 -9.17
N SER D 194 -29.74 -23.99 -9.64
CA SER D 194 -30.96 -24.83 -9.55
C SER D 194 -30.87 -26.12 -10.37
N SER D 195 -29.98 -26.11 -11.38
CA SER D 195 -29.66 -27.28 -12.20
C SER D 195 -28.82 -28.33 -11.45
N SER D 196 -28.19 -27.89 -10.35
CA SER D 196 -27.29 -28.72 -9.55
C SER D 196 -27.93 -29.15 -8.20
N LEU D 197 -29.12 -29.76 -8.30
CA LEU D 197 -29.85 -30.31 -7.14
C LEU D 197 -30.13 -31.82 -7.25
N GLY D 198 -29.97 -32.36 -8.46
CA GLY D 198 -30.17 -33.79 -8.73
C GLY D 198 -29.04 -34.66 -8.22
N GLN D 200 -26.54 -34.27 -5.96
CA GLN D 200 -25.63 -33.23 -5.49
C GLN D 200 -26.04 -32.80 -4.07
N THR D 201 -25.52 -33.54 -3.08
CA THR D 201 -25.91 -33.37 -1.66
C THR D 201 -25.42 -32.05 -1.02
N TYR D 202 -26.29 -31.45 -0.22
CA TYR D 202 -25.98 -30.23 0.54
C TYR D 202 -26.22 -30.42 2.03
N ILE D 203 -25.12 -30.45 2.79
CA ILE D 203 -25.14 -30.66 4.25
C ILE D 203 -24.50 -29.47 4.96
N CYS D 204 -25.18 -28.97 6.00
CA CYS D 204 -24.61 -27.93 6.88
C CYS D 204 -24.07 -28.55 8.17
N ASN D 205 -22.82 -28.19 8.51
CA ASN D 205 -22.17 -28.68 9.73
C ASN D 205 -22.20 -27.60 10.80
N VAL D 206 -22.86 -27.93 11.92
CA VAL D 206 -23.08 -26.97 13.02
C VAL D 206 -22.34 -27.40 14.29
N ASN D 207 -21.43 -26.55 14.76
CA ASN D 207 -20.68 -26.76 15.99
C ASN D 207 -21.01 -25.66 17.00
N HIS D 208 -21.51 -26.08 18.15
CA HIS D 208 -21.71 -25.19 19.30
C HIS D 208 -20.85 -25.75 20.44
N LYS D 209 -19.70 -25.10 20.64
CA LYS D 209 -18.67 -25.53 21.62
C LYS D 209 -19.09 -25.72 23.10
N PRO D 210 -19.80 -24.71 23.72
CA PRO D 210 -20.03 -24.81 25.18
C PRO D 210 -21.02 -25.90 25.62
N SER D 211 -21.95 -26.27 24.73
CA SER D 211 -22.93 -27.35 25.00
C SER D 211 -22.48 -28.70 24.44
N ASN D 212 -21.35 -28.70 23.73
CA ASN D 212 -20.74 -29.87 23.06
C ASN D 212 -21.68 -30.52 22.03
N THR D 213 -22.43 -29.66 21.31
CA THR D 213 -23.39 -30.09 20.28
C THR D 213 -22.75 -30.02 18.89
N LYS D 214 -22.56 -31.19 18.30
CA LYS D 214 -22.02 -31.34 16.94
C LYS D 214 -23.07 -32.06 16.12
N VAL D 215 -23.62 -31.36 15.13
CA VAL D 215 -24.66 -31.93 14.26
C VAL D 215 -24.46 -31.56 12.77
N ASP D 216 -24.77 -32.52 11.90
CA ASP D 216 -24.78 -32.33 10.45
C ASP D 216 -26.22 -32.47 9.98
N LYS D 217 -26.59 -31.68 8.96
CA LYS D 217 -27.98 -31.72 8.45
C LYS D 217 -28.06 -31.62 6.92
N LYS D 218 -28.60 -32.69 6.32
CA LYS D 218 -28.87 -32.74 4.88
C LYS D 218 -30.10 -31.88 4.56
N VAL D 219 -29.90 -30.87 3.71
CA VAL D 219 -30.98 -29.98 3.26
C VAL D 219 -31.43 -30.44 1.87
N GLU D 220 -32.64 -30.99 1.81
CA GLU D 220 -33.22 -31.53 0.58
C GLU D 220 -34.56 -30.84 0.20
N PRO D 221 -34.77 -30.56 -1.12
CA PRO D 221 -36.01 -29.89 -1.60
C PRO D 221 -37.30 -30.67 -1.32
C1 NAG E . 13.36 -1.99 -41.13
C2 NAG E . 13.88 -2.05 -42.58
C3 NAG E . 14.33 -3.45 -42.98
C4 NAG E . 15.27 -4.07 -41.91
C5 NAG E . 14.74 -3.96 -40.48
C6 NAG E . 15.79 -3.42 -39.52
C7 NAG E . 12.46 -0.33 -43.66
C8 NAG E . 11.36 -0.16 -44.66
N2 NAG E . 12.83 -1.60 -43.49
O3 NAG E . 14.97 -3.36 -44.25
O4 NAG E . 15.46 -5.47 -42.15
O5 NAG E . 13.49 -3.23 -40.39
O6 NAG E . 15.72 -4.15 -38.30
O7 NAG E . 12.95 0.63 -43.09
C1 NAG E . 16.86 -5.71 -42.41
C2 NAG E . 17.02 -6.99 -43.21
C3 NAG E . 18.49 -7.26 -43.52
C4 NAG E . 19.17 -6.02 -44.08
C5 NAG E . 18.89 -4.80 -43.21
C6 NAG E . 19.51 -3.55 -43.82
C7 NAG E . 16.66 -8.30 -41.21
C8 NAG E . 18.05 -7.96 -40.73
N2 NAG E . 16.44 -8.11 -42.50
O3 NAG E . 18.58 -8.34 -44.46
O4 NAG E . 20.59 -6.25 -44.14
O5 NAG E . 17.48 -4.63 -43.10
O6 NAG E . 19.92 -2.67 -42.76
O7 NAG E . 15.80 -8.71 -40.44
#